data_1IJX
#
_entry.id   1IJX
#
_cell.length_a   96.050
_cell.length_b   48.690
_cell.length_c   83.310
_cell.angle_alpha   90.00
_cell.angle_beta   90.80
_cell.angle_gamma   90.00
#
_symmetry.space_group_name_H-M   'P 1 21 1'
#
loop_
_entity.id
_entity.type
_entity.pdbx_description
1 polymer 'SECRETED FRIZZLED-RELATED SEQUENCE PROTEIN 3'
2 non-polymer 'SULFATE ION'
3 water water
#
_entity_poly.entity_id   1
_entity_poly.type   'polypeptide(L)'
_entity_poly.pdbx_seq_one_letter_code
;GSAACEPVRIPLCKSLPWEMTKMPNHLHHSTQANAILAMEQFEGLLGTHCSPDLLFFLCAMYAPICTIDFQHEPIKPCKS
VCERARQGCEPILIKYRHSWPESLACDELPVYDRGVCISPEAIVTAD
;
_entity_poly.pdbx_strand_id   A,B,C,D,E,F
#
loop_
_chem_comp.id
_chem_comp.type
_chem_comp.name
_chem_comp.formula
SO4 non-polymer 'SULFATE ION' 'O4 S -2'
#
# COMPACT_ATOMS: atom_id res chain seq x y z
N ALA A 3 19.82 -35.05 37.20
CA ALA A 3 18.57 -34.22 37.15
C ALA A 3 17.87 -34.35 35.80
N ALA A 4 16.54 -34.25 35.82
CA ALA A 4 15.72 -34.36 34.62
C ALA A 4 14.85 -33.13 34.42
N CYS A 5 14.26 -33.01 33.24
CA CYS A 5 13.41 -31.87 32.92
C CYS A 5 12.28 -31.72 33.91
N GLU A 6 11.77 -30.49 34.00
CA GLU A 6 10.63 -30.19 34.84
C GLU A 6 9.88 -29.07 34.15
N PRO A 7 8.56 -29.04 34.31
CA PRO A 7 7.75 -28.00 33.69
C PRO A 7 8.05 -26.57 34.13
N VAL A 8 7.97 -25.66 33.17
CA VAL A 8 8.20 -24.25 33.45
C VAL A 8 7.03 -23.80 34.31
N ARG A 9 7.33 -23.13 35.42
CA ARG A 9 6.29 -22.65 36.31
C ARG A 9 6.28 -21.14 36.55
N ILE A 10 7.25 -20.43 35.97
CA ILE A 10 7.30 -18.98 36.11
C ILE A 10 6.18 -18.46 35.23
N PRO A 11 5.18 -17.79 35.83
CA PRO A 11 4.01 -17.22 35.16
C PRO A 11 4.26 -16.53 33.83
N LEU A 12 5.09 -15.49 33.87
CA LEU A 12 5.41 -14.70 32.70
C LEU A 12 6.06 -15.46 31.54
N CYS A 13 6.72 -16.57 31.84
CA CYS A 13 7.40 -17.36 30.81
C CYS A 13 6.50 -18.38 30.10
N LYS A 14 5.29 -18.58 30.61
CA LYS A 14 4.37 -19.54 30.00
C LYS A 14 3.92 -19.17 28.59
N SER A 15 4.01 -17.89 28.25
CA SER A 15 3.61 -17.44 26.91
C SER A 15 4.67 -17.81 25.86
N LEU A 16 5.84 -18.21 26.33
CA LEU A 16 6.92 -18.59 25.42
C LEU A 16 6.69 -19.99 24.88
N PRO A 17 7.35 -20.31 23.75
CA PRO A 17 7.30 -21.56 22.99
C PRO A 17 7.57 -22.87 23.72
N TRP A 18 8.53 -22.89 24.63
CA TRP A 18 8.85 -24.13 25.33
C TRP A 18 8.19 -24.18 26.70
N GLU A 19 8.00 -25.39 27.22
CA GLU A 19 7.37 -25.53 28.53
C GLU A 19 8.12 -26.47 29.49
N MET A 20 9.24 -27.00 29.04
CA MET A 20 10.04 -27.87 29.91
C MET A 20 11.42 -27.27 30.12
N THR A 21 11.83 -27.15 31.37
CA THR A 21 13.13 -26.58 31.67
C THR A 21 13.95 -27.53 32.55
N LYS A 22 15.06 -27.06 33.07
CA LYS A 22 15.90 -27.93 33.88
C LYS A 22 16.82 -27.04 34.70
N MET A 23 17.05 -27.44 35.95
CA MET A 23 17.91 -26.67 36.84
C MET A 23 19.25 -27.37 36.97
N PRO A 24 20.30 -26.65 37.39
CA PRO A 24 20.19 -25.22 37.73
C PRO A 24 20.05 -24.33 36.50
N ASN A 25 19.41 -23.18 36.69
CA ASN A 25 19.25 -22.24 35.59
C ASN A 25 20.53 -21.42 35.47
N HIS A 26 20.49 -20.34 34.70
CA HIS A 26 21.70 -19.58 34.51
C HIS A 26 22.05 -18.56 35.57
N LEU A 27 21.27 -18.55 36.65
CA LEU A 27 21.53 -17.70 37.82
C LEU A 27 21.99 -18.66 38.94
N HIS A 28 22.14 -19.93 38.58
CA HIS A 28 22.60 -20.97 39.50
C HIS A 28 21.58 -21.33 40.58
N HIS A 29 20.30 -21.08 40.31
CA HIS A 29 19.24 -21.45 41.24
C HIS A 29 19.11 -22.96 41.13
N SER A 30 19.01 -23.66 42.25
CA SER A 30 18.86 -25.11 42.24
C SER A 30 17.41 -25.52 42.01
N THR A 31 16.47 -24.63 42.36
CA THR A 31 15.04 -24.86 42.19
C THR A 31 14.38 -23.69 41.47
N GLN A 32 13.32 -23.98 40.74
CA GLN A 32 12.60 -22.97 39.98
C GLN A 32 11.88 -22.02 40.95
N ALA A 33 11.59 -22.52 42.14
CA ALA A 33 10.92 -21.70 43.16
C ALA A 33 11.61 -20.35 43.32
N ASN A 34 12.94 -20.35 43.38
CA ASN A 34 13.70 -19.10 43.54
C ASN A 34 13.76 -18.24 42.28
N ALA A 35 13.64 -18.86 41.11
CA ALA A 35 13.66 -18.10 39.86
C ALA A 35 12.36 -17.30 39.77
N ILE A 36 11.30 -17.88 40.32
CA ILE A 36 9.99 -17.24 40.33
C ILE A 36 10.00 -15.92 41.09
N LEU A 37 10.62 -15.95 42.27
CA LEU A 37 10.71 -14.75 43.09
C LEU A 37 11.48 -13.66 42.34
N ALA A 38 12.53 -14.07 41.63
CA ALA A 38 13.36 -13.12 40.88
C ALA A 38 12.60 -12.39 39.77
N MET A 39 11.92 -13.15 38.91
CA MET A 39 11.16 -12.57 37.81
C MET A 39 10.18 -11.51 38.27
N GLU A 40 9.65 -11.68 39.47
CA GLU A 40 8.71 -10.72 40.03
C GLU A 40 9.30 -9.32 40.07
N GLN A 41 10.61 -9.25 40.32
CA GLN A 41 11.35 -8.00 40.40
C GLN A 41 11.45 -7.31 39.04
N PHE A 42 11.28 -8.08 37.96
CA PHE A 42 11.39 -7.51 36.61
C PHE A 42 10.06 -7.10 35.99
N GLU A 43 8.96 -7.28 36.74
CA GLU A 43 7.65 -6.91 36.23
C GLU A 43 7.60 -5.45 35.81
N GLY A 44 8.21 -4.57 36.61
CA GLY A 44 8.21 -3.16 36.29
C GLY A 44 8.92 -2.85 34.99
N LEU A 45 10.14 -3.36 34.85
CA LEU A 45 10.93 -3.16 33.64
C LEU A 45 10.22 -3.75 32.42
N LEU A 46 9.67 -4.96 32.55
CA LEU A 46 8.98 -5.56 31.42
C LEU A 46 7.79 -4.67 30.99
N GLY A 47 7.20 -3.98 31.96
CA GLY A 47 6.06 -3.13 31.66
C GLY A 47 6.38 -1.86 30.92
N THR A 48 7.65 -1.49 30.85
CA THR A 48 8.01 -0.28 30.12
C THR A 48 8.12 -0.57 28.62
N HIS A 49 8.17 -1.85 28.26
CA HIS A 49 8.33 -2.26 26.87
C HIS A 49 9.58 -1.63 26.29
N CYS A 50 10.67 -1.63 27.05
CA CYS A 50 11.91 -1.06 26.57
C CYS A 50 12.56 -1.99 25.55
N SER A 51 12.16 -3.27 25.55
CA SER A 51 12.69 -4.23 24.58
C SER A 51 11.77 -5.43 24.32
N PRO A 52 11.49 -5.72 23.04
CA PRO A 52 10.62 -6.87 22.74
C PRO A 52 11.35 -8.18 23.05
N ASP A 53 12.65 -8.12 23.32
CA ASP A 53 13.39 -9.33 23.61
C ASP A 53 13.63 -9.59 25.09
N LEU A 54 13.29 -8.62 25.93
CA LEU A 54 13.55 -8.78 27.36
C LEU A 54 12.92 -10.02 27.97
N LEU A 55 11.64 -10.28 27.68
CA LEU A 55 10.97 -11.46 28.24
C LEU A 55 11.65 -12.76 27.81
N PHE A 56 11.95 -12.86 26.51
CA PHE A 56 12.62 -14.06 26.03
C PHE A 56 13.95 -14.25 26.75
N PHE A 57 14.73 -13.18 26.83
CA PHE A 57 16.03 -13.25 27.47
C PHE A 57 15.95 -13.68 28.95
N LEU A 58 15.10 -12.99 29.72
CA LEU A 58 14.97 -13.34 31.12
C LEU A 58 14.51 -14.80 31.29
N CYS A 59 13.55 -15.27 30.49
CA CYS A 59 13.08 -16.64 30.64
C CYS A 59 14.11 -17.65 30.17
N ALA A 60 14.90 -17.28 29.17
CA ALA A 60 15.95 -18.16 28.67
C ALA A 60 17.02 -18.34 29.77
N MET A 61 17.13 -17.35 30.66
CA MET A 61 18.09 -17.37 31.76
C MET A 61 17.51 -18.05 33.01
N TYR A 62 16.27 -17.71 33.38
CA TYR A 62 15.65 -18.26 34.58
C TYR A 62 15.02 -19.63 34.47
N ALA A 63 14.56 -19.99 33.27
CA ALA A 63 13.95 -21.30 33.04
C ALA A 63 14.31 -21.74 31.62
N PRO A 64 15.59 -22.06 31.38
CA PRO A 64 16.09 -22.49 30.06
C PRO A 64 15.44 -23.74 29.51
N ILE A 65 15.31 -23.81 28.18
CA ILE A 65 14.72 -24.98 27.54
C ILE A 65 15.50 -26.26 27.85
N CYS A 66 14.78 -27.34 28.13
CA CYS A 66 15.41 -28.61 28.44
C CYS A 66 15.93 -29.33 27.22
N THR A 67 17.16 -29.84 27.32
CA THR A 67 17.75 -30.63 26.25
C THR A 67 18.40 -31.81 26.96
N ILE A 68 18.70 -32.87 26.22
CA ILE A 68 19.39 -34.02 26.82
C ILE A 68 20.88 -33.68 26.82
N ASP A 69 21.30 -32.88 25.84
CA ASP A 69 22.67 -32.41 25.74
C ASP A 69 22.84 -31.33 26.84
N PHE A 70 24.07 -30.97 27.16
CA PHE A 70 24.33 -29.89 28.14
C PHE A 70 23.70 -30.16 29.50
N GLN A 71 24.04 -31.32 30.05
CA GLN A 71 23.51 -31.78 31.32
C GLN A 71 23.67 -30.81 32.49
N HIS A 72 24.89 -30.34 32.70
CA HIS A 72 25.19 -29.46 33.82
C HIS A 72 24.91 -27.99 33.65
N GLU A 73 25.01 -27.49 32.41
CA GLU A 73 24.75 -26.09 32.12
C GLU A 73 23.88 -26.05 30.85
N PRO A 74 22.56 -25.86 31.02
CA PRO A 74 21.60 -25.81 29.89
C PRO A 74 22.02 -24.82 28.82
N ILE A 75 21.41 -24.92 27.64
CA ILE A 75 21.69 -23.98 26.56
C ILE A 75 21.29 -22.57 27.06
N LYS A 76 22.03 -21.57 26.61
CA LYS A 76 21.82 -20.18 26.97
C LYS A 76 21.29 -19.32 25.81
N PRO A 77 20.71 -18.16 26.14
CA PRO A 77 20.21 -17.28 25.08
C PRO A 77 21.46 -16.70 24.39
N CYS A 78 21.36 -16.38 23.11
CA CYS A 78 22.50 -15.82 22.40
C CYS A 78 22.91 -14.45 22.94
N LYS A 79 24.20 -14.18 22.89
CA LYS A 79 24.73 -12.92 23.35
C LYS A 79 24.06 -11.75 22.64
N SER A 80 23.71 -11.93 21.37
CA SER A 80 23.08 -10.84 20.61
C SER A 80 21.68 -10.49 21.12
N VAL A 81 20.94 -11.48 21.59
CA VAL A 81 19.60 -11.24 22.12
C VAL A 81 19.75 -10.42 23.43
N CYS A 82 20.75 -10.78 24.22
CA CYS A 82 21.05 -10.09 25.48
C CYS A 82 21.41 -8.64 25.21
N GLU A 83 22.24 -8.42 24.19
CA GLU A 83 22.68 -7.09 23.83
C GLU A 83 21.55 -6.22 23.35
N ARG A 84 20.58 -6.80 22.63
CA ARG A 84 19.44 -6.00 22.18
C ARG A 84 18.56 -5.62 23.39
N ALA A 85 18.40 -6.56 24.31
CA ALA A 85 17.59 -6.29 25.49
C ALA A 85 18.28 -5.22 26.38
N ARG A 86 19.59 -5.35 26.55
CA ARG A 86 20.31 -4.36 27.36
C ARG A 86 20.27 -2.98 26.68
N GLN A 87 20.44 -2.98 25.37
CA GLN A 87 20.46 -1.72 24.60
C GLN A 87 19.16 -0.94 24.77
N GLY A 88 18.04 -1.63 24.73
CA GLY A 88 16.78 -0.94 24.87
C GLY A 88 16.35 -0.64 26.29
N CYS A 89 16.74 -1.50 27.23
CA CYS A 89 16.34 -1.34 28.63
C CYS A 89 17.33 -0.66 29.60
N GLU A 90 18.64 -0.79 29.36
CA GLU A 90 19.64 -0.15 30.24
C GLU A 90 19.38 1.36 30.47
N PRO A 91 19.03 2.11 29.40
CA PRO A 91 18.76 3.55 29.53
C PRO A 91 17.64 3.86 30.51
N ILE A 92 16.66 2.97 30.59
CA ILE A 92 15.54 3.14 31.49
C ILE A 92 16.03 2.90 32.92
N LEU A 93 16.81 1.85 33.13
CA LEU A 93 17.35 1.55 34.46
C LEU A 93 18.20 2.73 34.94
N ILE A 94 19.01 3.29 34.04
CA ILE A 94 19.89 4.41 34.37
C ILE A 94 19.10 5.65 34.78
N LYS A 95 18.03 5.93 34.06
CA LYS A 95 17.17 7.07 34.38
C LYS A 95 16.64 6.96 35.81
N TYR A 96 16.55 5.74 36.33
CA TYR A 96 16.04 5.54 37.68
C TYR A 96 17.07 4.90 38.63
N ARG A 97 18.32 5.26 38.40
CA ARG A 97 19.48 4.82 39.19
C ARG A 97 19.68 3.33 39.44
N HIS A 98 19.79 2.61 38.34
CA HIS A 98 20.03 1.18 38.37
C HIS A 98 20.85 0.91 37.13
N SER A 99 21.37 -0.30 36.99
CA SER A 99 22.16 -0.62 35.81
C SER A 99 21.89 -2.05 35.50
N TRP A 100 22.40 -2.51 34.35
CA TRP A 100 22.20 -3.89 33.95
C TRP A 100 22.93 -4.73 35.00
N PRO A 101 22.23 -5.70 35.61
CA PRO A 101 22.80 -6.57 36.64
C PRO A 101 23.93 -7.49 36.21
N GLU A 102 24.87 -7.68 37.12
CA GLU A 102 26.02 -8.54 36.87
C GLU A 102 25.59 -9.93 36.43
N SER A 103 24.51 -10.45 37.01
CA SER A 103 24.04 -11.79 36.67
C SER A 103 23.59 -11.94 35.22
N LEU A 104 23.25 -10.83 34.58
CA LEU A 104 22.78 -10.85 33.19
C LEU A 104 23.78 -10.22 32.23
N ALA A 105 25.05 -10.15 32.61
CA ALA A 105 26.07 -9.56 31.74
C ALA A 105 26.12 -10.36 30.43
N CYS A 106 26.05 -9.66 29.31
CA CYS A 106 26.03 -10.33 28.03
C CYS A 106 27.36 -11.03 27.67
N ASP A 107 28.48 -10.44 28.07
CA ASP A 107 29.80 -11.01 27.80
C ASP A 107 30.03 -12.36 28.48
N GLU A 108 29.15 -12.73 29.42
CA GLU A 108 29.31 -13.99 30.15
C GLU A 108 28.44 -15.12 29.63
N LEU A 109 27.66 -14.84 28.59
CA LEU A 109 26.79 -15.86 28.03
C LEU A 109 27.50 -16.93 27.21
N PRO A 110 28.40 -16.55 26.31
CA PRO A 110 29.02 -17.64 25.56
C PRO A 110 29.76 -18.64 26.43
N VAL A 111 29.50 -19.93 26.15
CA VAL A 111 30.18 -21.02 26.82
C VAL A 111 31.23 -21.26 25.73
N TYR A 112 32.45 -20.81 25.98
CA TYR A 112 33.49 -20.86 24.97
C TYR A 112 33.92 -22.17 24.37
N ASP A 113 33.52 -23.28 24.95
CA ASP A 113 33.88 -24.55 24.32
C ASP A 113 32.61 -25.22 23.77
N ARG A 114 31.55 -24.44 23.60
CA ARG A 114 30.28 -25.00 23.09
C ARG A 114 29.97 -24.48 21.68
N GLY A 115 29.35 -23.31 21.59
CA GLY A 115 29.08 -22.76 20.27
C GLY A 115 27.65 -22.78 19.75
N VAL A 116 26.66 -22.90 20.64
CA VAL A 116 25.24 -22.89 20.20
C VAL A 116 24.40 -22.20 21.26
N CYS A 117 23.45 -21.40 20.82
CA CYS A 117 22.59 -20.67 21.74
C CYS A 117 21.19 -20.62 21.14
N ILE A 118 20.26 -20.12 21.93
CA ILE A 118 18.87 -20.04 21.52
C ILE A 118 18.46 -18.58 21.37
N SER A 119 17.67 -18.32 20.34
CA SER A 119 17.22 -16.98 20.07
C SER A 119 15.75 -16.94 19.70
N PRO A 120 15.12 -15.76 19.83
CA PRO A 120 13.71 -15.62 19.47
C PRO A 120 13.68 -15.37 17.96
N GLU A 121 12.51 -15.49 17.37
CA GLU A 121 12.34 -15.26 15.95
C GLU A 121 10.90 -14.80 15.75
N ALA A 122 10.70 -13.89 14.80
CA ALA A 122 9.36 -13.37 14.55
C ALA A 122 8.42 -14.45 14.09
N ILE A 123 7.17 -14.34 14.53
CA ILE A 123 6.13 -15.27 14.12
C ILE A 123 5.31 -14.49 13.08
N VAL A 124 4.52 -15.19 12.29
CA VAL A 124 3.70 -14.54 11.29
C VAL A 124 2.29 -14.38 11.87
N THR A 125 1.96 -13.14 12.25
CA THR A 125 0.67 -12.84 12.83
C THR A 125 0.19 -11.42 12.46
N ALA A 126 -1.10 -11.16 12.68
CA ALA A 126 -1.67 -9.87 12.38
C ALA A 126 -2.56 -9.46 13.55
N ASP A 127 -2.88 -10.44 14.38
CA ASP A 127 -3.75 -10.25 15.54
C ASP A 127 -3.49 -8.93 16.27
N ALA B 3 -2.39 18.68 20.49
CA ALA B 3 -2.80 19.18 19.18
C ALA B 3 -1.60 19.40 18.26
N ALA B 4 -0.39 19.29 18.82
CA ALA B 4 0.82 19.48 18.03
C ALA B 4 1.40 18.18 17.49
N CYS B 5 1.96 18.26 16.27
CA CYS B 5 2.57 17.10 15.62
C CYS B 5 3.82 16.64 16.37
N GLU B 6 4.27 15.42 16.07
CA GLU B 6 5.49 14.86 16.67
C GLU B 6 6.04 13.93 15.60
N PRO B 7 7.37 13.75 15.56
CA PRO B 7 7.92 12.85 14.54
C PRO B 7 7.51 11.39 14.70
N VAL B 8 7.50 10.69 13.57
CA VAL B 8 7.17 9.28 13.58
C VAL B 8 8.38 8.61 14.22
N ARG B 9 8.13 7.73 15.18
CA ARG B 9 9.21 7.02 15.85
C ARG B 9 9.15 5.52 15.60
N ILE B 10 8.18 5.08 14.82
CA ILE B 10 8.06 3.65 14.51
C ILE B 10 9.09 3.26 13.43
N PRO B 11 10.11 2.48 13.81
CA PRO B 11 11.15 2.05 12.87
C PRO B 11 10.67 1.58 11.49
N LEU B 12 9.75 0.65 11.45
CA LEU B 12 9.27 0.15 10.17
C LEU B 12 8.63 1.20 9.28
N CYS B 13 8.19 2.32 9.85
CA CYS B 13 7.50 3.37 9.05
C CYS B 13 8.36 4.58 8.65
N LYS B 14 9.65 4.57 8.98
CA LYS B 14 10.49 5.72 8.65
C LYS B 14 10.78 5.87 7.15
N SER B 15 10.57 4.79 6.39
CA SER B 15 10.81 4.81 4.95
C SER B 15 9.64 5.41 4.14
N LEU B 16 8.51 5.64 4.81
CA LEU B 16 7.34 6.21 4.13
C LEU B 16 7.50 7.72 3.94
N PRO B 17 6.72 8.31 3.02
CA PRO B 17 6.68 9.73 2.62
C PRO B 17 6.53 10.78 3.71
N TRP B 18 5.78 10.49 4.76
CA TRP B 18 5.59 11.47 5.82
C TRP B 18 6.43 11.18 7.05
N GLU B 19 6.72 12.21 7.83
CA GLU B 19 7.56 12.10 9.02
C GLU B 19 6.90 12.60 10.27
N MET B 20 5.77 13.26 10.12
CA MET B 20 5.07 13.81 11.28
C MET B 20 3.73 13.13 11.50
N THR B 21 3.46 12.76 12.74
CA THR B 21 2.18 12.13 13.08
C THR B 21 1.61 12.82 14.30
N LYS B 22 0.51 12.29 14.81
CA LYS B 22 -0.12 12.83 16.00
C LYS B 22 -1.14 11.81 16.48
N MET B 23 -1.19 11.56 17.79
CA MET B 23 -2.17 10.61 18.32
C MET B 23 -3.46 11.40 18.52
N PRO B 24 -4.60 10.70 18.64
CA PRO B 24 -4.76 9.25 18.62
C PRO B 24 -4.68 8.64 17.23
N ASN B 25 -4.14 7.43 17.14
CA ASN B 25 -4.08 6.76 15.85
C ASN B 25 -5.41 6.00 15.68
N HIS B 26 -5.48 5.17 14.65
CA HIS B 26 -6.72 4.48 14.38
C HIS B 26 -6.97 3.19 15.17
N LEU B 27 -6.12 2.99 16.17
CA LEU B 27 -6.30 1.86 17.08
C LEU B 27 -6.66 2.50 18.41
N HIS B 28 -6.83 3.82 18.37
CA HIS B 28 -7.20 4.62 19.55
C HIS B 28 -6.13 4.72 20.63
N HIS B 29 -4.86 4.56 20.23
CA HIS B 29 -3.77 4.65 21.19
C HIS B 29 -3.61 6.10 21.64
N SER B 30 -3.33 6.30 22.92
CA SER B 30 -3.14 7.66 23.40
C SER B 30 -1.70 8.13 23.21
N THR B 31 -0.76 7.21 23.11
CA THR B 31 0.67 7.57 22.93
C THR B 31 1.28 6.79 21.76
N GLN B 32 2.31 7.36 21.14
CA GLN B 32 2.98 6.66 20.04
C GLN B 32 3.74 5.45 20.59
N ALA B 33 4.05 5.49 21.88
CA ALA B 33 4.74 4.36 22.50
C ALA B 33 3.86 3.12 22.33
N ASN B 34 2.55 3.27 22.56
CA ASN B 34 1.62 2.14 22.41
C ASN B 34 1.63 1.67 20.95
N ALA B 35 1.73 2.61 20.02
CA ALA B 35 1.73 2.30 18.58
C ALA B 35 2.98 1.52 18.19
N ILE B 36 4.12 1.93 18.72
CA ILE B 36 5.39 1.27 18.47
C ILE B 36 5.30 -0.18 18.91
N LEU B 37 4.78 -0.40 20.13
CA LEU B 37 4.66 -1.77 20.63
C LEU B 37 3.81 -2.62 19.70
N ALA B 38 2.64 -2.09 19.33
CA ALA B 38 1.72 -2.81 18.46
C ALA B 38 2.35 -3.17 17.11
N MET B 39 3.06 -2.21 16.51
CA MET B 39 3.72 -2.45 15.21
C MET B 39 4.83 -3.50 15.22
N GLU B 40 5.44 -3.74 16.38
CA GLU B 40 6.51 -4.75 16.47
C GLU B 40 5.92 -6.11 16.15
N GLN B 41 4.63 -6.25 16.39
CA GLN B 41 3.92 -7.50 16.15
C GLN B 41 3.77 -7.88 14.67
N PHE B 42 3.93 -6.92 13.77
CA PHE B 42 3.78 -7.22 12.34
C PHE B 42 5.07 -7.52 11.60
N GLU B 43 6.18 -7.59 12.34
CA GLU B 43 7.48 -7.88 11.73
C GLU B 43 7.45 -9.13 10.85
N GLY B 44 6.88 -10.20 11.40
CA GLY B 44 6.80 -11.46 10.66
C GLY B 44 5.99 -11.38 9.38
N LEU B 45 4.83 -10.77 9.45
CA LEU B 45 3.98 -10.67 8.27
C LEU B 45 4.64 -9.83 7.20
N LEU B 46 5.20 -8.69 7.58
CA LEU B 46 5.86 -7.80 6.64
C LEU B 46 7.04 -8.50 6.01
N GLY B 47 7.59 -9.45 6.75
CA GLY B 47 8.73 -10.19 6.27
C GLY B 47 8.36 -11.18 5.19
N THR B 48 7.07 -11.50 5.03
CA THR B 48 6.69 -12.45 3.99
C THR B 48 6.51 -11.76 2.65
N HIS B 49 6.55 -10.42 2.68
CA HIS B 49 6.40 -9.64 1.46
C HIS B 49 5.11 -10.03 0.73
N CYS B 50 4.03 -10.28 1.48
CA CYS B 50 2.76 -10.68 0.87
C CYS B 50 2.06 -9.55 0.12
N SER B 51 2.43 -8.30 0.38
CA SER B 51 1.81 -7.20 -0.34
C SER B 51 2.60 -5.91 -0.26
N PRO B 52 2.83 -5.29 -1.43
CA PRO B 52 3.55 -4.02 -1.46
C PRO B 52 2.78 -2.91 -0.73
N ASP B 53 1.48 -3.12 -0.48
CA ASP B 53 0.70 -2.09 0.23
C ASP B 53 0.54 -2.29 1.74
N LEU B 54 1.05 -3.39 2.29
CA LEU B 54 0.88 -3.63 3.72
C LEU B 54 1.54 -2.62 4.62
N LEU B 55 2.79 -2.26 4.32
CA LEU B 55 3.50 -1.30 5.14
C LEU B 55 2.78 0.02 5.17
N PHE B 56 2.45 0.54 3.99
CA PHE B 56 1.71 1.79 3.91
C PHE B 56 0.44 1.72 4.77
N PHE B 57 -0.35 0.67 4.55
CA PHE B 57 -1.61 0.53 5.27
C PHE B 57 -1.43 0.51 6.79
N LEU B 58 -0.56 -0.36 7.28
CA LEU B 58 -0.30 -0.45 8.72
C LEU B 58 0.20 0.88 9.28
N CYS B 59 1.15 1.52 8.60
CA CYS B 59 1.66 2.79 9.12
C CYS B 59 0.59 3.89 9.11
N ALA B 60 -0.27 3.90 8.10
CA ALA B 60 -1.32 4.93 8.03
C ALA B 60 -2.33 4.75 9.18
N MET B 61 -2.43 3.53 9.70
CA MET B 61 -3.32 3.20 10.83
C MET B 61 -2.70 3.49 12.18
N TYR B 62 -1.43 3.12 12.36
CA TYR B 62 -0.72 3.32 13.63
C TYR B 62 0.00 4.64 13.84
N ALA B 63 0.40 5.31 12.76
CA ALA B 63 1.07 6.61 12.87
C ALA B 63 0.61 7.47 11.68
N PRO B 64 -0.70 7.81 11.64
CA PRO B 64 -1.26 8.63 10.55
C PRO B 64 -0.63 10.01 10.38
N ILE B 65 -0.49 10.42 9.13
CA ILE B 65 0.10 11.71 8.81
C ILE B 65 -0.60 12.83 9.55
N CYS B 66 0.19 13.80 10.01
CA CYS B 66 -0.35 14.93 10.76
C CYS B 66 -1.00 15.99 9.87
N THR B 67 -2.19 16.43 10.26
CA THR B 67 -2.93 17.49 9.54
C THR B 67 -3.57 18.40 10.59
N ILE B 68 -3.90 19.62 10.21
CA ILE B 68 -4.56 20.54 11.13
C ILE B 68 -6.03 20.13 11.21
N ASP B 69 -6.55 19.69 10.07
CA ASP B 69 -7.93 19.22 9.97
C ASP B 69 -8.01 17.89 10.72
N PHE B 70 -9.23 17.46 11.07
CA PHE B 70 -9.40 16.17 11.73
C PHE B 70 -8.60 16.07 13.03
N GLN B 71 -8.70 17.08 13.88
CA GLN B 71 -7.93 17.10 15.11
C GLN B 71 -8.11 15.91 16.06
N HIS B 72 -9.31 15.36 16.15
CA HIS B 72 -9.53 14.26 17.08
C HIS B 72 -9.53 12.87 16.50
N GLU B 73 -9.55 12.78 15.17
CA GLU B 73 -9.53 11.49 14.47
C GLU B 73 -8.86 11.75 13.13
N PRO B 74 -7.54 11.54 13.05
CA PRO B 74 -6.73 11.74 11.85
C PRO B 74 -7.29 11.12 10.57
N ILE B 75 -6.71 11.49 9.44
CA ILE B 75 -7.13 10.93 8.18
C ILE B 75 -6.76 9.43 8.16
N LYS B 76 -7.58 8.62 7.50
CA LYS B 76 -7.32 7.20 7.43
C LYS B 76 -6.85 6.77 6.06
N PRO B 77 -6.24 5.57 5.98
CA PRO B 77 -5.79 5.07 4.69
C PRO B 77 -7.09 4.70 3.97
N CYS B 78 -7.08 4.68 2.65
CA CYS B 78 -8.28 4.34 1.89
C CYS B 78 -8.62 2.87 1.94
N LYS B 79 -9.92 2.58 1.84
CA LYS B 79 -10.43 1.22 1.84
C LYS B 79 -9.75 0.42 0.73
N SER B 80 -9.53 1.06 -0.42
CA SER B 80 -8.91 0.37 -1.54
C SER B 80 -7.50 -0.17 -1.22
N VAL B 81 -6.67 0.60 -0.53
CA VAL B 81 -5.31 0.12 -0.20
C VAL B 81 -5.39 -1.03 0.82
N CYS B 82 -6.32 -0.91 1.77
CA CYS B 82 -6.52 -1.96 2.76
C CYS B 82 -6.95 -3.24 2.04
N GLU B 83 -7.86 -3.11 1.07
CA GLU B 83 -8.34 -4.27 0.35
C GLU B 83 -7.22 -4.97 -0.41
N ARG B 84 -6.33 -4.20 -1.03
CA ARG B 84 -5.22 -4.85 -1.75
C ARG B 84 -4.29 -5.55 -0.75
N ALA B 85 -4.01 -4.91 0.39
CA ALA B 85 -3.14 -5.52 1.39
C ALA B 85 -3.74 -6.84 1.87
N ARG B 86 -5.05 -6.83 2.14
CA ARG B 86 -5.71 -8.05 2.60
C ARG B 86 -5.72 -9.12 1.50
N GLN B 87 -5.95 -8.71 0.26
CA GLN B 87 -5.97 -9.66 -0.85
C GLN B 87 -4.62 -10.38 -0.94
N GLY B 88 -3.52 -9.65 -0.74
CA GLY B 88 -2.23 -10.26 -0.82
C GLY B 88 -1.75 -11.00 0.42
N CYS B 89 -2.14 -10.50 1.61
CA CYS B 89 -1.69 -11.11 2.85
C CYS B 89 -2.60 -12.11 3.55
N GLU B 90 -3.90 -12.06 3.28
CA GLU B 90 -4.81 -12.99 3.92
C GLU B 90 -4.44 -14.45 3.66
N PRO B 91 -4.16 -14.81 2.39
CA PRO B 91 -3.80 -16.18 2.02
C PRO B 91 -2.63 -16.71 2.86
N ILE B 92 -1.67 -15.82 3.15
CA ILE B 92 -0.50 -16.17 3.95
C ILE B 92 -0.92 -16.39 5.41
N LEU B 93 -1.76 -15.50 5.93
CA LEU B 93 -2.25 -15.61 7.30
C LEU B 93 -3.00 -16.92 7.48
N ILE B 94 -3.85 -17.26 6.52
CA ILE B 94 -4.59 -18.50 6.60
C ILE B 94 -3.62 -19.68 6.62
N LYS B 95 -2.50 -19.54 5.92
CA LYS B 95 -1.52 -20.61 5.85
C LYS B 95 -0.78 -20.75 7.17
N TYR B 96 -0.59 -19.62 7.87
CA TYR B 96 0.09 -19.65 9.16
C TYR B 96 -0.89 -19.76 10.32
N ARG B 97 -2.09 -20.24 10.03
CA ARG B 97 -3.10 -20.44 11.06
C ARG B 97 -3.57 -19.16 11.72
N HIS B 98 -3.71 -18.09 10.94
CA HIS B 98 -4.20 -16.81 11.46
C HIS B 98 -5.20 -16.22 10.48
N SER B 99 -5.58 -14.96 10.66
CA SER B 99 -6.56 -14.34 9.76
C SER B 99 -6.60 -12.81 9.88
N TRP B 100 -7.17 -12.13 8.89
CA TRP B 100 -7.25 -10.66 8.89
C TRP B 100 -8.07 -10.19 10.10
N PRO B 101 -7.46 -9.40 11.00
CA PRO B 101 -8.12 -8.91 12.21
C PRO B 101 -9.21 -7.85 12.06
N GLU B 102 -10.18 -7.90 12.96
CA GLU B 102 -11.29 -6.96 12.94
C GLU B 102 -10.79 -5.52 13.04
N SER B 103 -9.71 -5.31 13.79
CA SER B 103 -9.15 -3.96 13.96
C SER B 103 -8.69 -3.32 12.64
N LEU B 104 -8.47 -4.16 11.63
CA LEU B 104 -8.03 -3.71 10.29
C LEU B 104 -9.10 -3.98 9.22
N ALA B 105 -10.33 -4.20 9.64
CA ALA B 105 -11.43 -4.48 8.71
C ALA B 105 -11.52 -3.31 7.74
N CYS B 106 -11.33 -3.59 6.46
CA CYS B 106 -11.34 -2.54 5.45
C CYS B 106 -12.67 -1.76 5.32
N ASP B 107 -13.80 -2.46 5.46
CA ASP B 107 -15.09 -1.78 5.34
C ASP B 107 -15.44 -0.93 6.55
N GLU B 108 -14.58 -0.89 7.56
CA GLU B 108 -14.81 -0.07 8.76
C GLU B 108 -13.96 1.19 8.70
N LEU B 109 -13.20 1.36 7.62
CA LEU B 109 -12.35 2.53 7.49
C LEU B 109 -13.07 3.85 7.19
N PRO B 110 -14.02 3.83 6.24
CA PRO B 110 -14.71 5.09 5.93
C PRO B 110 -15.30 5.81 7.14
N VAL B 111 -15.08 7.12 7.19
CA VAL B 111 -15.67 7.97 8.24
C VAL B 111 -16.82 8.54 7.38
N TYR B 112 -18.03 8.06 7.64
CA TYR B 112 -19.18 8.42 6.82
C TYR B 112 -19.70 9.85 6.64
N ASP B 113 -19.18 10.80 7.42
CA ASP B 113 -19.52 12.21 7.28
C ASP B 113 -18.27 13.01 6.90
N ARG B 114 -17.25 12.31 6.39
CA ARG B 114 -16.00 12.99 6.00
C ARG B 114 -15.85 12.85 4.49
N GLY B 115 -15.26 11.76 4.05
CA GLY B 115 -15.10 11.55 2.61
C GLY B 115 -13.73 11.81 1.98
N VAL B 116 -12.66 11.64 2.74
CA VAL B 116 -11.30 11.82 2.19
C VAL B 116 -10.37 10.84 2.93
N CYS B 117 -9.49 10.18 2.20
CA CYS B 117 -8.58 9.20 2.76
C CYS B 117 -7.22 9.34 2.10
N ILE B 118 -6.22 8.67 2.67
CA ILE B 118 -4.88 8.78 2.11
C ILE B 118 -4.48 7.47 1.43
N SER B 119 -3.78 7.60 0.30
CA SER B 119 -3.41 6.44 -0.49
C SER B 119 -1.95 6.52 -0.96
N PRO B 120 -1.35 5.37 -1.30
CA PRO B 120 0.04 5.50 -1.76
C PRO B 120 0.00 5.92 -3.24
N GLU B 121 1.09 6.53 -3.71
CA GLU B 121 1.18 6.99 -5.10
C GLU B 121 2.56 6.56 -5.62
N ALA B 122 2.59 5.91 -6.79
CA ALA B 122 3.83 5.41 -7.39
C ALA B 122 4.83 6.52 -7.71
N ALA C 3 8.66 -41.22 19.90
CA ALA C 3 9.95 -40.99 19.25
C ALA C 3 10.90 -40.31 20.24
N ALA C 4 11.96 -41.02 20.62
CA ALA C 4 12.95 -40.51 21.56
C ALA C 4 14.25 -40.14 20.87
N CYS C 5 15.14 -39.45 21.58
CA CYS C 5 16.43 -39.01 21.05
C CYS C 5 17.34 -40.15 20.58
N GLU C 6 18.33 -39.80 19.78
CA GLU C 6 19.32 -40.75 19.28
C GLU C 6 20.60 -39.97 19.01
N PRO C 7 21.76 -40.61 19.25
CA PRO C 7 23.04 -39.94 19.01
C PRO C 7 23.28 -39.54 17.56
N VAL C 8 23.94 -38.40 17.37
CA VAL C 8 24.25 -37.89 16.05
C VAL C 8 25.28 -38.83 15.42
N ARG C 9 25.08 -39.22 14.17
CA ARG C 9 26.03 -40.10 13.52
C ARG C 9 26.48 -39.55 12.18
N ILE C 10 26.18 -38.28 11.91
CA ILE C 10 26.60 -37.67 10.64
C ILE C 10 28.05 -37.23 10.87
N PRO C 11 29.01 -37.91 10.24
CA PRO C 11 30.44 -37.57 10.41
C PRO C 11 30.78 -36.08 10.48
N LEU C 12 30.44 -35.35 9.42
CA LEU C 12 30.72 -33.93 9.36
C LEU C 12 30.13 -33.13 10.53
N CYS C 13 29.04 -33.64 11.11
CA CYS C 13 28.38 -32.93 12.22
C CYS C 13 28.90 -33.19 13.63
N LYS C 14 29.75 -34.20 13.79
CA LYS C 14 30.25 -34.53 15.12
C LYS C 14 31.09 -33.42 15.74
N SER C 15 31.63 -32.53 14.92
CA SER C 15 32.42 -31.44 15.46
C SER C 15 31.55 -30.38 16.16
N LEU C 16 30.24 -30.39 15.92
CA LEU C 16 29.34 -29.42 16.55
C LEU C 16 29.03 -29.78 18.02
N PRO C 17 28.57 -28.79 18.81
CA PRO C 17 28.21 -28.82 20.23
C PRO C 17 27.29 -29.92 20.77
N TRP C 18 26.20 -30.19 20.07
CA TRP C 18 25.25 -31.21 20.54
C TRP C 18 25.53 -32.58 19.97
N GLU C 19 25.21 -33.61 20.75
CA GLU C 19 25.45 -35.01 20.33
C GLU C 19 24.16 -35.80 20.16
N MET C 20 23.03 -35.24 20.59
CA MET C 20 21.75 -35.93 20.48
C MET C 20 20.81 -35.27 19.51
N THR C 21 20.18 -36.09 18.67
CA THR C 21 19.25 -35.60 17.67
C THR C 21 17.97 -36.44 17.69
N LYS C 22 17.01 -36.07 16.85
CA LYS C 22 15.76 -36.81 16.79
C LYS C 22 15.14 -36.68 15.41
N MET C 23 14.70 -37.79 14.87
CA MET C 23 14.08 -37.81 13.56
C MET C 23 12.56 -37.73 13.79
N PRO C 24 11.80 -37.26 12.80
CA PRO C 24 12.31 -36.83 11.49
C PRO C 24 13.01 -35.49 11.58
N ASN C 25 13.99 -35.30 10.69
CA ASN C 25 14.73 -34.05 10.63
C ASN C 25 13.97 -33.02 9.77
N HIS C 26 14.60 -31.88 9.48
CA HIS C 26 13.93 -30.86 8.71
C HIS C 26 13.88 -31.06 7.21
N LEU C 27 14.41 -32.18 6.74
CA LEU C 27 14.37 -32.55 5.34
C LEU C 27 13.33 -33.68 5.29
N HIS C 28 12.75 -33.96 6.46
CA HIS C 28 11.71 -34.98 6.61
C HIS C 28 12.23 -36.42 6.47
N HIS C 29 13.52 -36.62 6.73
CA HIS C 29 14.06 -37.97 6.68
C HIS C 29 13.55 -38.72 7.92
N SER C 30 13.04 -39.94 7.72
CA SER C 30 12.54 -40.73 8.84
C SER C 30 13.67 -41.41 9.61
N THR C 31 14.79 -41.65 8.95
CA THR C 31 15.95 -42.28 9.60
C THR C 31 17.20 -41.41 9.37
N GLN C 32 18.15 -41.52 10.29
CA GLN C 32 19.37 -40.74 10.18
C GLN C 32 20.25 -41.32 9.06
N ALA C 33 20.01 -42.57 8.70
CA ALA C 33 20.78 -43.19 7.63
C ALA C 33 20.57 -42.36 6.33
N ASN C 34 19.36 -41.85 6.15
CA ASN C 34 19.06 -41.06 4.95
C ASN C 34 19.69 -39.66 5.06
N ALA C 35 19.80 -39.17 6.29
CA ALA C 35 20.40 -37.85 6.53
C ALA C 35 21.90 -37.92 6.24
N ILE C 36 22.52 -39.03 6.65
CA ILE C 36 23.95 -39.24 6.43
C ILE C 36 24.26 -39.22 4.95
N LEU C 37 23.48 -39.97 4.17
CA LEU C 37 23.68 -40.04 2.74
C LEU C 37 23.49 -38.67 2.10
N ALA C 38 22.45 -37.97 2.55
CA ALA C 38 22.13 -36.64 2.04
C ALA C 38 23.25 -35.64 2.27
N MET C 39 23.83 -35.66 3.47
CA MET C 39 24.91 -34.73 3.84
C MET C 39 26.15 -34.88 2.98
N GLU C 40 26.46 -36.10 2.54
CA GLU C 40 27.66 -36.34 1.73
C GLU C 40 27.71 -35.44 0.51
N GLN C 41 26.55 -35.13 -0.04
CA GLN C 41 26.49 -34.27 -1.21
C GLN C 41 27.07 -32.88 -0.93
N PHE C 42 27.12 -32.48 0.35
CA PHE C 42 27.65 -31.14 0.66
C PHE C 42 29.15 -31.05 0.99
N GLU C 43 29.87 -32.16 1.03
CA GLU C 43 31.31 -32.13 1.32
C GLU C 43 32.08 -31.12 0.46
N GLY C 44 31.82 -31.10 -0.84
CA GLY C 44 32.52 -30.18 -1.72
C GLY C 44 32.21 -28.71 -1.44
N LEU C 45 30.93 -28.38 -1.28
CA LEU C 45 30.57 -27.00 -1.01
C LEU C 45 31.18 -26.58 0.34
N LEU C 46 31.14 -27.47 1.33
CA LEU C 46 31.71 -27.19 2.65
C LEU C 46 33.20 -26.92 2.55
N GLY C 47 33.86 -27.57 1.59
CA GLY C 47 35.28 -27.38 1.41
C GLY C 47 35.67 -26.03 0.84
N THR C 48 34.72 -25.31 0.24
CA THR C 48 35.02 -24.01 -0.34
C THR C 48 35.02 -22.88 0.67
N HIS C 49 34.62 -23.17 1.90
CA HIS C 49 34.55 -22.16 2.95
C HIS C 49 33.75 -20.94 2.53
N CYS C 50 32.64 -21.17 1.82
CA CYS C 50 31.83 -20.05 1.36
C CYS C 50 31.11 -19.35 2.50
N SER C 51 30.95 -20.03 3.64
CA SER C 51 30.28 -19.44 4.80
C SER C 51 30.67 -20.17 6.09
N PRO C 52 31.10 -19.42 7.12
CA PRO C 52 31.47 -20.10 8.35
C PRO C 52 30.28 -20.69 9.09
N ASP C 53 29.09 -20.40 8.57
CA ASP C 53 27.86 -20.88 9.18
C ASP C 53 27.22 -22.01 8.37
N LEU C 54 27.81 -22.38 7.24
CA LEU C 54 27.20 -23.45 6.47
C LEU C 54 27.10 -24.78 7.25
N LEU C 55 28.18 -25.20 7.89
CA LEU C 55 28.14 -26.46 8.62
C LEU C 55 27.05 -26.45 9.68
N PHE C 56 27.06 -25.42 10.53
CA PHE C 56 26.03 -25.30 11.57
C PHE C 56 24.64 -25.39 10.97
N PHE C 57 24.39 -24.64 9.90
CA PHE C 57 23.05 -24.64 9.31
C PHE C 57 22.63 -26.02 8.77
N LEU C 58 23.51 -26.64 8.00
CA LEU C 58 23.21 -27.97 7.45
C LEU C 58 22.97 -28.99 8.57
N CYS C 59 23.85 -29.01 9.56
CA CYS C 59 23.66 -29.95 10.66
C CYS C 59 22.40 -29.65 11.50
N ALA C 60 22.03 -28.38 11.63
CA ALA C 60 20.83 -28.01 12.39
C ALA C 60 19.59 -28.49 11.61
N MET C 61 19.73 -28.64 10.29
CA MET C 61 18.63 -29.10 9.45
C MET C 61 18.60 -30.63 9.35
N TYR C 62 19.75 -31.23 9.05
CA TYR C 62 19.84 -32.68 8.89
C TYR C 62 19.87 -33.51 10.20
N ALA C 63 20.38 -32.94 11.30
CA ALA C 63 20.40 -33.63 12.60
C ALA C 63 20.18 -32.63 13.72
N PRO C 64 18.95 -32.10 13.83
CA PRO C 64 18.51 -31.12 14.84
C PRO C 64 18.73 -31.58 16.27
N ILE C 65 19.11 -30.63 17.13
CA ILE C 65 19.34 -30.96 18.54
C ILE C 65 18.04 -31.45 19.19
N CYS C 66 18.15 -32.50 19.99
CA CYS C 66 16.99 -33.10 20.63
C CYS C 66 16.51 -32.33 21.84
N THR C 67 15.21 -32.14 21.90
CA THR C 67 14.55 -31.45 23.00
C THR C 67 13.27 -32.25 23.26
N ILE C 68 12.77 -32.21 24.48
CA ILE C 68 11.53 -32.90 24.78
C ILE C 68 10.39 -32.03 24.25
N ASP C 69 10.58 -30.71 24.26
CA ASP C 69 9.55 -29.83 23.71
C ASP C 69 9.72 -30.07 22.21
N PHE C 70 8.77 -29.63 21.39
CA PHE C 70 8.90 -29.78 19.94
C PHE C 70 9.16 -31.25 19.52
N GLN C 71 8.20 -32.11 19.80
CA GLN C 71 8.32 -33.54 19.49
C GLN C 71 8.28 -33.92 18.01
N HIS C 72 7.34 -33.37 17.27
CA HIS C 72 7.19 -33.72 15.87
C HIS C 72 8.01 -32.88 14.92
N GLU C 73 8.24 -31.62 15.29
CA GLU C 73 9.03 -30.72 14.48
C GLU C 73 10.10 -30.09 15.39
N PRO C 74 11.31 -30.68 15.42
CA PRO C 74 12.43 -30.21 16.24
C PRO C 74 12.73 -28.73 16.05
N ILE C 75 13.47 -28.15 17.00
CA ILE C 75 13.82 -26.74 16.86
C ILE C 75 14.64 -26.62 15.57
N LYS C 76 14.55 -25.45 14.93
CA LYS C 76 15.27 -25.22 13.68
C LYS C 76 16.30 -24.10 13.82
N PRO C 77 17.24 -24.05 12.87
CA PRO C 77 18.25 -22.99 12.89
C PRO C 77 17.49 -21.69 12.61
N CYS C 78 18.00 -20.57 13.12
CA CYS C 78 17.35 -19.28 12.90
C CYS C 78 17.38 -18.89 11.42
N LYS C 79 16.35 -18.19 10.98
CA LYS C 79 16.27 -17.73 9.60
C LYS C 79 17.51 -16.92 9.24
N SER C 80 18.01 -16.13 10.19
CA SER C 80 19.20 -15.32 9.94
C SER C 80 20.44 -16.16 9.64
N VAL C 81 20.58 -17.32 10.28
CA VAL C 81 21.74 -18.18 10.03
C VAL C 81 21.58 -18.80 8.64
N CYS C 82 20.36 -19.20 8.28
CA CYS C 82 20.14 -19.76 6.94
C CYS C 82 20.52 -18.69 5.91
N GLU C 83 20.11 -17.44 6.17
CA GLU C 83 20.41 -16.37 5.24
C GLU C 83 21.88 -16.11 5.06
N ARG C 84 22.66 -16.17 6.14
CA ARG C 84 24.10 -15.96 6.04
C ARG C 84 24.72 -17.08 5.22
N ALA C 85 24.27 -18.31 5.45
CA ALA C 85 24.80 -19.46 4.72
C ALA C 85 24.48 -19.37 3.23
N ARG C 86 23.24 -19.02 2.91
CA ARG C 86 22.82 -18.91 1.52
C ARG C 86 23.54 -17.76 0.80
N GLN C 87 23.62 -16.59 1.44
CA GLN C 87 24.29 -15.44 0.82
C GLN C 87 25.76 -15.71 0.52
N GLY C 88 26.40 -16.47 1.40
CA GLY C 88 27.79 -16.79 1.16
C GLY C 88 28.01 -17.96 0.19
N CYS C 89 27.09 -18.92 0.20
CA CYS C 89 27.27 -20.10 -0.64
C CYS C 89 26.51 -20.21 -1.95
N GLU C 90 25.38 -19.54 -2.08
CA GLU C 90 24.62 -19.61 -3.32
C GLU C 90 25.43 -19.16 -4.54
N PRO C 91 26.20 -18.07 -4.43
CA PRO C 91 26.99 -17.62 -5.59
C PRO C 91 27.99 -18.70 -6.09
N ILE C 92 28.55 -19.46 -5.15
CA ILE C 92 29.51 -20.53 -5.47
C ILE C 92 28.77 -21.66 -6.18
N LEU C 93 27.61 -22.03 -5.65
CA LEU C 93 26.81 -23.08 -6.30
C LEU C 93 26.46 -22.62 -7.72
N ILE C 94 26.11 -21.35 -7.85
CA ILE C 94 25.73 -20.82 -9.13
C ILE C 94 26.91 -20.84 -10.09
N LYS C 95 28.07 -20.40 -9.62
CA LYS C 95 29.28 -20.38 -10.41
C LYS C 95 29.57 -21.75 -10.99
N TYR C 96 29.15 -22.79 -10.29
CA TYR C 96 29.38 -24.15 -10.75
C TYR C 96 28.15 -24.83 -11.30
N ARG C 97 27.26 -24.00 -11.83
CA ARG C 97 26.03 -24.48 -12.45
C ARG C 97 25.13 -25.36 -11.59
N HIS C 98 24.84 -24.84 -10.41
CA HIS C 98 23.96 -25.48 -9.43
C HIS C 98 23.18 -24.35 -8.75
N SER C 99 22.16 -24.72 -7.97
CA SER C 99 21.34 -23.74 -7.27
C SER C 99 21.17 -24.11 -5.80
N TRP C 100 20.81 -23.12 -4.99
CA TRP C 100 20.54 -23.36 -3.58
C TRP C 100 19.25 -24.18 -3.61
N PRO C 101 19.25 -25.35 -2.94
CA PRO C 101 18.06 -26.20 -2.92
C PRO C 101 16.85 -25.58 -2.20
N GLU C 102 15.68 -25.77 -2.78
CA GLU C 102 14.42 -25.24 -2.23
C GLU C 102 14.16 -25.74 -0.81
N SER C 103 14.65 -26.94 -0.52
CA SER C 103 14.50 -27.56 0.80
C SER C 103 15.27 -26.77 1.87
N LEU C 104 16.18 -25.90 1.45
CA LEU C 104 16.95 -25.11 2.40
C LEU C 104 16.61 -23.64 2.27
N ALA C 105 15.45 -23.37 1.67
CA ALA C 105 14.99 -21.99 1.48
C ALA C 105 14.76 -21.39 2.87
N CYS C 106 15.22 -20.17 3.06
CA CYS C 106 15.11 -19.51 4.37
C CYS C 106 13.75 -18.88 4.70
N ASP C 107 13.07 -18.39 3.68
CA ASP C 107 11.80 -17.71 3.90
C ASP C 107 10.68 -18.48 4.58
N GLU C 108 10.58 -19.78 4.32
CA GLU C 108 9.54 -20.58 4.97
C GLU C 108 10.15 -21.57 5.94
N LEU C 109 11.29 -21.19 6.49
CA LEU C 109 12.02 -22.01 7.44
C LEU C 109 11.36 -22.05 8.83
N PRO C 110 11.00 -20.88 9.38
CA PRO C 110 10.36 -20.76 10.70
C PRO C 110 9.02 -21.50 10.91
N VAL C 111 8.82 -21.94 12.14
CA VAL C 111 7.61 -22.66 12.51
C VAL C 111 6.54 -21.66 12.93
N TYR C 112 5.36 -21.78 12.35
CA TYR C 112 4.25 -20.88 12.66
C TYR C 112 3.91 -21.02 14.14
N ASP C 113 3.63 -19.89 14.76
CA ASP C 113 3.31 -19.88 16.18
C ASP C 113 4.39 -20.39 17.14
N ARG C 114 5.65 -20.44 16.71
CA ARG C 114 6.70 -20.89 17.62
C ARG C 114 7.52 -19.70 18.11
N GLY C 115 8.41 -19.17 17.28
CA GLY C 115 9.17 -18.01 17.73
C GLY C 115 10.47 -18.27 18.48
N VAL C 116 11.08 -19.44 18.27
CA VAL C 116 12.36 -19.77 18.92
C VAL C 116 13.18 -20.63 17.97
N CYS C 117 14.49 -20.38 17.90
CA CYS C 117 15.35 -21.09 16.99
C CYS C 117 16.76 -21.20 17.58
N ILE C 118 17.64 -21.96 16.94
CA ILE C 118 19.00 -22.04 17.43
C ILE C 118 20.00 -21.38 16.50
N SER C 119 21.05 -20.84 17.10
CA SER C 119 22.08 -20.14 16.34
C SER C 119 23.46 -20.50 16.87
N PRO C 120 24.51 -20.23 16.07
CA PRO C 120 25.86 -20.54 16.54
C PRO C 120 26.31 -19.38 17.42
N GLU C 121 27.34 -19.60 18.22
CA GLU C 121 27.88 -18.59 19.13
C GLU C 121 29.42 -18.69 19.04
N ALA C 122 30.12 -17.57 19.18
CA ALA C 122 31.57 -17.61 19.09
C ALA C 122 32.19 -18.55 20.13
N ILE C 123 33.23 -19.28 19.72
CA ILE C 123 33.94 -20.19 20.62
C ILE C 123 35.45 -19.87 20.67
N VAL C 124 36.10 -20.28 21.74
CA VAL C 124 37.55 -20.05 21.87
C VAL C 124 38.24 -21.24 21.23
N THR C 125 39.00 -20.99 20.18
CA THR C 125 39.71 -22.06 19.48
C THR C 125 41.04 -21.61 18.89
N ALA C 126 41.88 -22.60 18.59
CA ALA C 126 43.18 -22.35 17.99
C ALA C 126 43.53 -23.56 17.12
N ASP C 127 44.17 -23.29 15.98
CA ASP C 127 44.57 -24.32 15.02
C ASP C 127 43.75 -25.60 15.10
N ALA D 4 11.01 -27.01 -11.46
CA ALA D 4 11.97 -26.14 -12.12
C ALA D 4 11.36 -24.75 -12.33
N CYS D 5 10.58 -24.61 -13.40
CA CYS D 5 9.94 -23.33 -13.73
C CYS D 5 8.71 -23.07 -12.86
N GLU D 6 8.30 -21.81 -12.81
CA GLU D 6 7.12 -21.39 -12.08
C GLU D 6 6.47 -20.26 -12.87
N PRO D 7 5.14 -20.27 -12.97
CA PRO D 7 4.51 -19.19 -13.73
C PRO D 7 4.85 -17.79 -13.22
N VAL D 8 4.83 -16.83 -14.13
CA VAL D 8 5.10 -15.46 -13.79
C VAL D 8 3.93 -14.91 -12.96
N ARG D 9 4.27 -14.14 -11.93
CA ARG D 9 3.26 -13.56 -11.05
C ARG D 9 3.24 -12.04 -11.05
N ILE D 10 4.38 -11.41 -11.35
CA ILE D 10 4.44 -9.96 -11.35
C ILE D 10 3.36 -9.37 -12.26
N PRO D 11 2.36 -8.69 -11.67
CA PRO D 11 1.26 -8.08 -12.44
C PRO D 11 1.67 -7.35 -13.70
N LEU D 12 2.60 -6.40 -13.58
CA LEU D 12 3.04 -5.65 -14.74
C LEU D 12 3.73 -6.47 -15.82
N CYS D 13 4.14 -7.69 -15.49
CA CYS D 13 4.84 -8.53 -16.46
C CYS D 13 3.95 -9.54 -17.19
N LYS D 14 2.74 -9.74 -16.69
CA LYS D 14 1.83 -10.70 -17.32
C LYS D 14 1.50 -10.40 -18.79
N SER D 15 1.67 -9.15 -19.20
CA SER D 15 1.38 -8.77 -20.59
C SER D 15 2.47 -9.18 -21.59
N LEU D 16 3.61 -9.63 -21.07
CA LEU D 16 4.73 -10.04 -21.92
C LEU D 16 4.55 -11.44 -22.47
N PRO D 17 5.25 -11.77 -23.57
CA PRO D 17 5.24 -13.05 -24.29
C PRO D 17 5.38 -14.35 -23.51
N TRP D 18 6.34 -14.41 -22.61
CA TRP D 18 6.55 -15.65 -21.86
C TRP D 18 5.73 -15.71 -20.58
N GLU D 19 5.33 -16.93 -20.21
CA GLU D 19 4.51 -17.14 -19.01
C GLU D 19 5.26 -17.84 -17.88
N MET D 20 6.35 -18.51 -18.22
CA MET D 20 7.12 -19.23 -17.21
C MET D 20 8.48 -18.60 -16.89
N THR D 21 8.79 -18.53 -15.60
CA THR D 21 10.06 -17.94 -15.17
C THR D 21 10.80 -18.90 -14.23
N LYS D 22 11.92 -18.44 -13.69
CA LYS D 22 12.72 -19.23 -12.78
C LYS D 22 13.41 -18.33 -11.76
N MET D 23 13.32 -18.68 -10.48
CA MET D 23 13.99 -17.90 -9.43
C MET D 23 15.21 -18.72 -9.03
N PRO D 24 16.30 -18.05 -8.59
CA PRO D 24 16.46 -16.61 -8.45
C PRO D 24 16.59 -15.83 -9.75
N ASN D 25 16.11 -14.60 -9.72
CA ASN D 25 16.17 -13.72 -10.88
C ASN D 25 17.52 -12.99 -10.95
N HIS D 26 17.62 -12.03 -11.84
CA HIS D 26 18.89 -11.32 -12.02
C HIS D 26 19.18 -10.24 -10.98
N LEU D 27 18.30 -10.11 -10.01
CA LEU D 27 18.47 -9.18 -8.89
C LEU D 27 18.76 -10.06 -7.66
N HIS D 28 18.88 -11.36 -7.93
CA HIS D 28 19.16 -12.38 -6.93
C HIS D 28 18.07 -12.57 -5.89
N HIS D 29 16.84 -12.26 -6.24
CA HIS D 29 15.72 -12.44 -5.33
C HIS D 29 15.42 -13.92 -5.21
N SER D 30 15.29 -14.40 -3.97
CA SER D 30 15.02 -15.82 -3.71
C SER D 30 13.60 -16.26 -4.07
N THR D 31 12.65 -15.32 -3.95
CA THR D 31 11.26 -15.60 -4.26
C THR D 31 10.68 -14.50 -5.14
N GLN D 32 9.71 -14.86 -5.96
CA GLN D 32 9.05 -13.90 -6.84
C GLN D 32 8.23 -12.94 -5.96
N ALA D 33 7.85 -13.39 -4.76
CA ALA D 33 7.11 -12.52 -3.85
C ALA D 33 8.01 -11.30 -3.63
N ASN D 34 9.29 -11.57 -3.39
CA ASN D 34 10.24 -10.48 -3.17
C ASN D 34 10.37 -9.65 -4.45
N ALA D 35 10.50 -10.32 -5.60
CA ALA D 35 10.62 -9.62 -6.88
C ALA D 35 9.44 -8.65 -7.11
N ILE D 36 8.23 -9.09 -6.77
CA ILE D 36 7.04 -8.25 -6.94
C ILE D 36 7.17 -6.94 -6.17
N LEU D 37 7.53 -7.06 -4.90
CA LEU D 37 7.72 -5.92 -4.01
C LEU D 37 8.80 -5.00 -4.61
N ALA D 38 9.94 -5.60 -4.97
CA ALA D 38 11.04 -4.86 -5.55
C ALA D 38 10.68 -4.12 -6.84
N MET D 39 9.96 -4.78 -7.75
CA MET D 39 9.54 -4.20 -9.04
C MET D 39 8.64 -2.99 -8.87
N GLU D 40 7.79 -3.06 -7.85
CA GLU D 40 6.83 -2.01 -7.55
C GLU D 40 7.47 -0.63 -7.58
N GLN D 41 8.75 -0.60 -7.24
CA GLN D 41 9.50 0.64 -7.23
C GLN D 41 9.50 1.32 -8.59
N PHE D 42 9.34 0.55 -9.65
CA PHE D 42 9.36 1.10 -11.01
C PHE D 42 8.03 1.48 -11.66
N GLU D 43 6.91 1.22 -10.99
CA GLU D 43 5.63 1.56 -11.57
C GLU D 43 5.61 3.03 -11.94
N GLY D 44 6.33 3.83 -11.16
CA GLY D 44 6.37 5.26 -11.44
C GLY D 44 7.08 5.57 -12.73
N LEU D 45 8.26 4.96 -12.91
CA LEU D 45 9.07 5.18 -14.12
C LEU D 45 8.30 4.66 -15.32
N LEU D 46 7.70 3.49 -15.19
CA LEU D 46 6.90 2.89 -16.25
C LEU D 46 5.78 3.88 -16.60
N GLY D 47 5.21 4.50 -15.57
CA GLY D 47 4.14 5.46 -15.76
C GLY D 47 4.52 6.72 -16.53
N THR D 48 5.81 6.95 -16.75
CA THR D 48 6.22 8.15 -17.49
C THR D 48 6.36 7.82 -18.98
N HIS D 49 6.34 6.53 -19.31
CA HIS D 49 6.47 6.10 -20.69
C HIS D 49 7.74 6.69 -21.30
N CYS D 50 8.83 6.64 -20.53
CA CYS D 50 10.11 7.16 -20.99
C CYS D 50 10.76 6.23 -21.99
N SER D 51 10.37 4.96 -21.99
CA SER D 51 10.89 3.97 -22.95
C SER D 51 9.93 2.83 -23.20
N PRO D 52 9.63 2.54 -24.47
CA PRO D 52 8.71 1.45 -24.80
C PRO D 52 9.35 0.11 -24.47
N ASP D 53 10.68 0.11 -24.30
CA ASP D 53 11.39 -1.12 -23.98
C ASP D 53 11.60 -1.33 -22.48
N LEU D 54 11.26 -0.34 -21.67
CA LEU D 54 11.49 -0.44 -20.22
C LEU D 54 10.84 -1.65 -19.58
N LEU D 55 9.56 -1.87 -19.84
CA LEU D 55 8.85 -3.00 -19.26
C LEU D 55 9.50 -4.35 -19.61
N PHE D 56 9.81 -4.53 -20.89
CA PHE D 56 10.45 -5.78 -21.33
C PHE D 56 11.78 -5.98 -20.58
N PHE D 57 12.55 -4.90 -20.46
CA PHE D 57 13.83 -5.01 -19.75
C PHE D 57 13.68 -5.39 -18.29
N LEU D 58 12.81 -4.67 -17.58
CA LEU D 58 12.59 -4.92 -16.17
C LEU D 58 12.08 -6.34 -15.96
N CYS D 59 11.07 -6.76 -16.72
CA CYS D 59 10.58 -8.10 -16.52
C CYS D 59 11.60 -9.15 -16.90
N ALA D 60 12.43 -8.86 -17.90
CA ALA D 60 13.47 -9.83 -18.30
C ALA D 60 14.48 -10.00 -17.17
N MET D 61 14.57 -9.02 -16.29
CA MET D 61 15.50 -9.08 -15.16
C MET D 61 14.80 -9.66 -13.91
N TYR D 62 13.64 -9.10 -13.54
CA TYR D 62 12.90 -9.54 -12.35
C TYR D 62 12.21 -10.91 -12.43
N ALA D 63 11.76 -11.27 -13.62
CA ALA D 63 11.10 -12.54 -13.86
C ALA D 63 11.59 -13.12 -15.20
N PRO D 64 12.88 -13.52 -15.26
CA PRO D 64 13.52 -14.09 -16.45
C PRO D 64 12.81 -15.29 -17.08
N ILE D 65 12.84 -15.34 -18.41
CA ILE D 65 12.20 -16.45 -19.09
C ILE D 65 12.90 -17.74 -18.72
N CYS D 66 12.11 -18.75 -18.40
CA CYS D 66 12.63 -20.05 -18.00
C CYS D 66 13.07 -20.85 -19.21
N THR D 67 14.27 -21.41 -19.13
CA THR D 67 14.84 -22.26 -20.18
C THR D 67 15.54 -23.43 -19.48
N ILE D 68 15.77 -24.50 -20.23
CA ILE D 68 16.43 -25.69 -19.68
C ILE D 68 17.93 -25.45 -19.60
N ASP D 69 18.45 -24.69 -20.57
CA ASP D 69 19.87 -24.40 -20.64
C ASP D 69 20.47 -23.53 -19.56
N PHE D 70 19.71 -22.59 -19.02
CA PHE D 70 20.30 -21.72 -18.03
C PHE D 70 19.53 -21.66 -16.72
N GLN D 71 19.52 -22.80 -16.01
CA GLN D 71 18.83 -22.94 -14.73
C GLN D 71 19.55 -22.23 -13.59
N HIS D 72 20.87 -22.26 -13.59
CA HIS D 72 21.67 -21.62 -12.55
C HIS D 72 21.53 -20.09 -12.61
N GLU D 73 21.80 -19.53 -13.78
CA GLU D 73 21.68 -18.09 -14.02
C GLU D 73 20.91 -17.99 -15.35
N PRO D 74 19.61 -17.65 -15.28
CA PRO D 74 18.76 -17.53 -16.47
C PRO D 74 19.31 -16.62 -17.56
N ILE D 75 18.74 -16.74 -18.76
CA ILE D 75 19.17 -15.91 -19.88
C ILE D 75 18.77 -14.48 -19.51
N LYS D 76 19.54 -13.51 -19.97
CA LYS D 76 19.28 -12.10 -19.65
C LYS D 76 18.85 -11.29 -20.86
N PRO D 77 18.36 -10.08 -20.61
CA PRO D 77 17.98 -9.24 -21.74
C PRO D 77 19.29 -8.78 -22.39
N CYS D 78 19.26 -8.48 -23.69
CA CYS D 78 20.46 -8.01 -24.40
C CYS D 78 20.88 -6.63 -23.93
N LYS D 79 22.19 -6.39 -23.95
CA LYS D 79 22.75 -5.09 -23.57
C LYS D 79 22.09 -3.97 -24.38
N SER D 80 21.83 -4.24 -25.66
CA SER D 80 21.18 -3.24 -26.52
C SER D 80 19.81 -2.76 -26.00
N VAL D 81 19.00 -3.67 -25.46
CA VAL D 81 17.69 -3.27 -24.95
C VAL D 81 17.86 -2.47 -23.67
N CYS D 82 18.78 -2.91 -22.81
CA CYS D 82 19.04 -2.20 -21.57
C CYS D 82 19.48 -0.77 -21.93
N GLU D 83 20.37 -0.65 -22.90
CA GLU D 83 20.87 0.65 -23.31
C GLU D 83 19.77 1.58 -23.86
N ARG D 84 18.78 1.03 -24.55
CA ARG D 84 17.70 1.88 -25.09
C ARG D 84 16.83 2.38 -23.95
N ALA D 85 16.55 1.50 -23.00
CA ALA D 85 15.73 1.81 -21.85
C ALA D 85 16.40 2.89 -21.00
N ARG D 86 17.69 2.69 -20.75
CA ARG D 86 18.45 3.64 -19.96
C ARG D 86 18.47 4.99 -20.69
N GLN D 87 18.78 4.98 -21.98
CA GLN D 87 18.83 6.21 -22.75
C GLN D 87 17.55 7.03 -22.63
N GLY D 88 16.41 6.39 -22.76
CA GLY D 88 15.16 7.12 -22.67
C GLY D 88 14.67 7.41 -21.26
N CYS D 89 15.09 6.61 -20.29
CA CYS D 89 14.61 6.78 -18.92
C CYS D 89 15.55 7.44 -17.88
N GLU D 90 16.85 7.30 -18.09
CA GLU D 90 17.80 7.89 -17.15
C GLU D 90 17.54 9.41 -17.04
N PRO D 91 17.24 10.08 -18.17
CA PRO D 91 16.98 11.52 -18.16
C PRO D 91 15.88 11.90 -17.18
N ILE D 92 14.87 11.04 -17.10
CA ILE D 92 13.76 11.27 -16.21
C ILE D 92 14.16 11.01 -14.76
N LEU D 93 14.87 9.91 -14.52
CA LEU D 93 15.31 9.61 -13.17
C LEU D 93 16.10 10.79 -12.61
N ILE D 94 17.01 11.33 -13.42
CA ILE D 94 17.84 12.46 -13.03
C ILE D 94 17.01 13.69 -12.70
N LYS D 95 16.01 13.98 -13.53
CA LYS D 95 15.14 15.12 -13.29
C LYS D 95 14.61 15.01 -11.86
N TYR D 96 14.33 13.79 -11.42
CA TYR D 96 13.82 13.58 -10.06
C TYR D 96 14.94 13.21 -9.09
N ARG D 97 16.14 13.73 -9.35
CA ARG D 97 17.31 13.52 -8.50
C ARG D 97 17.69 12.06 -8.20
N HIS D 98 17.52 11.20 -9.21
CA HIS D 98 17.87 9.78 -9.10
C HIS D 98 18.73 9.38 -10.29
N SER D 99 19.22 8.14 -10.29
CA SER D 99 20.05 7.68 -11.40
C SER D 99 19.82 6.18 -11.70
N TRP D 100 20.29 5.74 -12.87
CA TRP D 100 20.11 4.34 -13.25
C TRP D 100 20.77 3.47 -12.18
N PRO D 101 20.04 2.48 -11.63
CA PRO D 101 20.55 1.59 -10.59
C PRO D 101 21.66 0.62 -10.98
N GLU D 102 22.60 0.41 -10.05
CA GLU D 102 23.73 -0.50 -10.26
C GLU D 102 23.26 -1.90 -10.63
N SER D 103 22.16 -2.33 -10.04
CA SER D 103 21.64 -3.67 -10.33
C SER D 103 21.11 -3.80 -11.76
N LEU D 104 20.94 -2.68 -12.46
CA LEU D 104 20.46 -2.70 -13.84
C LEU D 104 21.56 -2.24 -14.79
N ALA D 105 22.79 -2.21 -14.30
CA ALA D 105 23.93 -1.78 -15.12
C ALA D 105 23.96 -2.58 -16.43
N CYS D 106 23.92 -1.87 -17.57
CA CYS D 106 23.91 -2.55 -18.86
C CYS D 106 25.21 -3.27 -19.16
N ASP D 107 26.33 -2.76 -18.65
CA ASP D 107 27.62 -3.39 -18.91
C ASP D 107 27.83 -4.69 -18.16
N GLU D 108 26.97 -4.96 -17.17
CA GLU D 108 27.10 -6.18 -16.39
C GLU D 108 26.20 -7.29 -16.92
N LEU D 109 25.45 -6.99 -17.98
CA LEU D 109 24.54 -7.97 -18.55
C LEU D 109 25.21 -9.12 -19.31
N PRO D 110 26.17 -8.81 -20.17
CA PRO D 110 26.75 -9.98 -20.85
C PRO D 110 27.49 -10.98 -19.96
N VAL D 111 27.25 -12.26 -20.21
CA VAL D 111 27.90 -13.36 -19.50
C VAL D 111 28.98 -13.74 -20.50
N TYR D 112 30.21 -13.35 -20.22
CA TYR D 112 31.29 -13.54 -21.19
C TYR D 112 31.69 -14.90 -21.71
N ASP D 113 31.13 -15.96 -21.15
CA ASP D 113 31.42 -17.28 -21.65
C ASP D 113 30.13 -17.92 -22.19
N ARG D 114 29.10 -17.08 -22.38
CA ARG D 114 27.81 -17.56 -22.90
C ARG D 114 27.60 -17.02 -24.32
N GLY D 115 26.96 -15.85 -24.44
CA GLY D 115 26.79 -15.29 -25.77
C GLY D 115 25.40 -15.28 -26.41
N VAL D 116 24.35 -15.26 -25.61
CA VAL D 116 22.99 -15.21 -26.13
C VAL D 116 22.13 -14.47 -25.11
N CYS D 117 21.22 -13.65 -25.61
CA CYS D 117 20.35 -12.85 -24.74
C CYS D 117 19.00 -12.72 -25.45
N ILE D 118 17.98 -12.21 -24.75
CA ILE D 118 16.68 -12.03 -25.39
C ILE D 118 16.39 -10.55 -25.59
N SER D 119 15.69 -10.27 -26.69
CA SER D 119 15.33 -8.90 -27.05
C SER D 119 13.85 -8.91 -27.46
N PRO D 120 13.23 -7.73 -27.44
CA PRO D 120 11.81 -7.65 -27.83
C PRO D 120 11.83 -7.65 -29.37
N GLU D 121 10.69 -7.96 -29.99
CA GLU D 121 10.53 -7.99 -31.44
C GLU D 121 9.16 -7.32 -31.67
N ALA D 122 9.01 -6.59 -32.76
CA ALA D 122 7.76 -5.88 -33.04
C ALA D 122 6.53 -6.78 -33.05
N ILE D 123 5.41 -6.27 -32.54
CA ILE D 123 4.16 -7.01 -32.54
C ILE D 123 3.04 -6.15 -33.10
N VAL D 124 1.95 -6.80 -33.50
CA VAL D 124 0.80 -6.09 -34.03
C VAL D 124 -0.21 -5.90 -32.91
N THR D 125 -0.35 -4.65 -32.46
CA THR D 125 -1.27 -4.27 -31.39
C THR D 125 -2.05 -3.02 -31.80
N ALA E 4 2.64 28.70 6.33
CA ALA E 4 1.55 28.45 7.27
C ALA E 4 0.25 28.22 6.52
N CYS E 5 -0.52 27.26 7.01
CA CYS E 5 -1.80 26.92 6.40
C CYS E 5 -2.84 28.02 6.61
N GLU E 6 -3.82 28.07 5.71
CA GLU E 6 -4.88 29.07 5.78
C GLU E 6 -6.24 28.44 5.49
N PRO E 7 -7.33 29.06 5.94
CA PRO E 7 -8.61 28.43 5.64
C PRO E 7 -9.02 28.46 4.17
N VAL E 8 -9.65 27.39 3.72
CA VAL E 8 -10.13 27.28 2.36
C VAL E 8 -11.17 28.38 2.14
N ARG E 9 -10.98 29.16 1.08
CA ARG E 9 -11.92 30.22 0.78
C ARG E 9 -12.73 30.01 -0.50
N ILE E 10 -12.33 29.05 -1.34
CA ILE E 10 -13.06 28.79 -2.60
C ILE E 10 -14.44 28.27 -2.25
N PRO E 11 -15.50 29.07 -2.54
CA PRO E 11 -16.89 28.69 -2.25
C PRO E 11 -17.32 27.27 -2.60
N LEU E 12 -17.09 26.85 -3.84
CA LEU E 12 -17.49 25.51 -4.25
C LEU E 12 -16.83 24.40 -3.43
N CYS E 13 -15.63 24.67 -2.93
CA CYS E 13 -14.90 23.65 -2.18
C CYS E 13 -15.28 23.53 -0.72
N LYS E 14 -16.09 24.44 -0.21
CA LYS E 14 -16.45 24.40 1.20
C LYS E 14 -17.25 23.17 1.63
N SER E 15 -17.89 22.47 0.69
CA SER E 15 -18.63 21.26 1.01
C SER E 15 -17.70 20.07 1.26
N LEU E 16 -16.43 20.22 0.90
CA LEU E 16 -15.45 19.15 1.09
C LEU E 16 -14.99 19.02 2.54
N PRO E 17 -14.52 17.82 2.92
CA PRO E 17 -14.06 17.48 4.28
C PRO E 17 -13.02 18.39 4.95
N TRP E 18 -11.99 18.79 4.21
CA TRP E 18 -10.95 19.63 4.79
C TRP E 18 -11.22 21.11 4.69
N GLU E 19 -10.83 21.84 5.73
CA GLU E 19 -11.07 23.27 5.72
C GLU E 19 -9.79 24.10 5.77
N MET E 20 -8.64 23.44 5.76
CA MET E 20 -7.36 24.15 5.78
C MET E 20 -6.58 23.79 4.53
N THR E 21 -5.99 24.80 3.90
CA THR E 21 -5.20 24.61 2.70
C THR E 21 -3.88 25.36 2.83
N LYS E 22 -3.02 25.21 1.83
CA LYS E 22 -1.74 25.85 1.84
C LYS E 22 -1.30 26.13 0.41
N MET E 23 -0.86 27.36 0.17
CA MET E 23 -0.39 27.77 -1.14
C MET E 23 1.13 27.65 -1.15
N PRO E 24 1.74 27.55 -2.34
CA PRO E 24 1.03 27.54 -3.63
C PRO E 24 0.36 26.20 -3.92
N ASN E 25 -0.72 26.24 -4.69
CA ASN E 25 -1.45 25.04 -5.04
C ASN E 25 -0.80 24.29 -6.20
N HIS E 26 -1.50 23.30 -6.73
CA HIS E 26 -0.93 22.51 -7.81
C HIS E 26 -1.03 23.13 -9.20
N LEU E 27 -1.45 24.39 -9.24
CA LEU E 27 -1.52 25.16 -10.49
C LEU E 27 -0.42 26.22 -10.35
N HIS E 28 0.21 26.22 -9.17
CA HIS E 28 1.28 27.14 -8.80
C HIS E 28 0.84 28.55 -8.42
N HIS E 29 -0.42 28.73 -8.07
CA HIS E 29 -0.92 30.05 -7.66
C HIS E 29 -0.29 30.41 -6.32
N SER E 30 0.21 31.64 -6.20
CA SER E 30 0.84 32.07 -4.94
C SER E 30 -0.17 32.47 -3.89
N THR E 31 -1.34 32.90 -4.32
CA THR E 31 -2.41 33.29 -3.40
C THR E 31 -3.66 32.52 -3.73
N GLN E 32 -4.54 32.37 -2.75
CA GLN E 32 -5.79 31.65 -2.97
C GLN E 32 -6.71 32.54 -3.79
N ALA E 33 -6.38 33.83 -3.84
CA ALA E 33 -7.19 34.77 -4.62
C ALA E 33 -7.08 34.33 -6.06
N ASN E 34 -5.88 33.97 -6.48
CA ASN E 34 -5.68 33.51 -7.85
C ASN E 34 -6.45 32.21 -8.06
N ALA E 35 -6.43 31.35 -7.02
CA ALA E 35 -7.11 30.06 -7.09
C ALA E 35 -8.63 30.23 -7.24
N ILE E 36 -9.21 31.08 -6.41
CA ILE E 36 -10.65 31.34 -6.44
C ILE E 36 -11.13 31.75 -7.83
N LEU E 37 -10.43 32.71 -8.44
CA LEU E 37 -10.80 33.17 -9.76
C LEU E 37 -10.67 32.07 -10.81
N ALA E 38 -9.60 31.30 -10.72
CA ALA E 38 -9.39 30.21 -11.66
C ALA E 38 -10.53 29.18 -11.61
N MET E 39 -10.95 28.79 -10.40
CA MET E 39 -12.03 27.81 -10.24
C MET E 39 -13.31 28.20 -10.95
N GLU E 40 -13.75 29.44 -10.75
CA GLU E 40 -14.97 29.95 -11.37
C GLU E 40 -15.18 29.41 -12.77
N GLN E 41 -14.10 29.24 -13.53
CA GLN E 41 -14.20 28.75 -14.89
C GLN E 41 -14.80 27.35 -14.99
N PHE E 42 -14.69 26.55 -13.92
CA PHE E 42 -15.23 25.19 -13.92
C PHE E 42 -16.67 25.09 -13.42
N GLU E 43 -17.30 26.21 -13.11
CA GLU E 43 -18.68 26.13 -12.62
C GLU E 43 -19.62 25.47 -13.63
N GLY E 44 -19.42 25.74 -14.91
CA GLY E 44 -20.26 25.15 -15.94
C GLY E 44 -20.08 23.64 -16.01
N LEU E 45 -18.83 23.20 -16.11
CA LEU E 45 -18.55 21.79 -16.19
C LEU E 45 -19.03 21.05 -14.92
N LEU E 46 -18.87 21.68 -13.76
CA LEU E 46 -19.31 21.02 -12.53
C LEU E 46 -20.83 20.85 -12.54
N GLY E 47 -21.51 21.81 -13.15
CA GLY E 47 -22.96 21.79 -13.23
C GLY E 47 -23.56 20.72 -14.11
N THR E 48 -22.75 20.11 -14.97
CA THR E 48 -23.26 19.06 -15.84
C THR E 48 -23.37 17.76 -15.06
N HIS E 49 -22.72 17.69 -13.90
CA HIS E 49 -22.72 16.49 -13.07
C HIS E 49 -22.10 15.34 -13.83
N CYS E 50 -21.10 15.63 -14.66
CA CYS E 50 -20.44 14.59 -15.44
C CYS E 50 -19.69 13.55 -14.59
N SER E 51 -19.31 13.93 -13.37
CA SER E 51 -18.61 13.02 -12.47
C SER E 51 -18.75 13.43 -11.00
N PRO E 52 -19.04 12.45 -10.12
CA PRO E 52 -19.19 12.73 -8.69
C PRO E 52 -17.86 13.09 -8.03
N ASP E 53 -16.77 12.84 -8.74
CA ASP E 53 -15.44 13.13 -8.19
C ASP E 53 -14.76 14.36 -8.80
N LEU E 54 -15.43 15.07 -9.70
CA LEU E 54 -14.79 16.25 -10.31
C LEU E 54 -14.50 17.33 -9.27
N LEU E 55 -15.47 17.61 -8.42
CA LEU E 55 -15.27 18.64 -7.40
C LEU E 55 -14.08 18.29 -6.50
N PHE E 56 -14.03 17.04 -6.01
CA PHE E 56 -12.93 16.63 -5.14
C PHE E 56 -11.60 16.88 -5.83
N PHE E 57 -11.48 16.40 -7.07
CA PHE E 57 -10.26 16.54 -7.84
C PHE E 57 -9.83 18.00 -8.05
N LEU E 58 -10.74 18.81 -8.54
CA LEU E 58 -10.42 20.22 -8.76
C LEU E 58 -10.02 20.88 -7.45
N CYS E 59 -10.80 20.67 -6.41
CA CYS E 59 -10.45 21.32 -5.15
C CYS E 59 -9.15 20.83 -4.57
N ALA E 60 -8.87 19.53 -4.72
CA ALA E 60 -7.62 18.99 -4.19
C ALA E 60 -6.44 19.62 -4.93
N MET E 61 -6.70 20.09 -6.16
CA MET E 61 -5.68 20.75 -6.98
C MET E 61 -5.56 22.24 -6.65
N TYR E 62 -6.69 22.94 -6.53
CA TYR E 62 -6.68 24.39 -6.25
C TYR E 62 -6.56 24.86 -4.81
N ALA E 63 -7.02 24.07 -3.83
CA ALA E 63 -6.90 24.41 -2.40
C ALA E 63 -6.61 23.08 -1.71
N PRO E 64 -5.44 22.50 -1.99
CA PRO E 64 -5.01 21.22 -1.43
C PRO E 64 -5.04 21.16 0.09
N ILE E 65 -5.29 19.97 0.60
CA ILE E 65 -5.34 19.77 2.03
C ILE E 65 -3.99 20.15 2.66
N CYS E 66 -4.09 20.79 3.80
CA CYS E 66 -2.97 21.25 4.58
C CYS E 66 -2.30 20.16 5.44
N THR E 67 -0.97 20.09 5.37
CA THR E 67 -0.20 19.14 6.17
C THR E 67 1.15 19.78 6.53
N ILE E 68 1.73 19.36 7.66
CA ILE E 68 3.02 19.88 8.08
C ILE E 68 4.13 19.30 7.21
N ASP E 69 3.96 18.05 6.79
CA ASP E 69 4.92 17.41 5.89
C ASP E 69 4.62 18.10 4.55
N PHE E 70 5.49 17.97 3.56
CA PHE E 70 5.26 18.59 2.25
C PHE E 70 4.89 20.05 2.40
N GLN E 71 5.81 20.83 2.97
CA GLN E 71 5.56 22.25 3.21
C GLN E 71 5.61 23.13 1.95
N HIS E 72 6.44 22.76 0.98
CA HIS E 72 6.56 23.58 -0.22
C HIS E 72 5.64 23.13 -1.35
N GLU E 73 5.43 21.82 -1.46
CA GLU E 73 4.53 21.29 -2.46
C GLU E 73 3.55 20.38 -1.72
N PRO E 74 2.33 20.88 -1.44
CA PRO E 74 1.33 20.07 -0.72
C PRO E 74 0.95 18.75 -1.39
N ILE E 75 0.28 17.89 -0.63
CA ILE E 75 -0.15 16.60 -1.15
C ILE E 75 -1.11 16.84 -2.32
N LYS E 76 -1.11 15.92 -3.28
CA LYS E 76 -1.98 16.02 -4.45
C LYS E 76 -3.02 14.91 -4.46
N PRO E 77 -4.07 15.07 -5.29
CA PRO E 77 -5.11 14.05 -5.39
C PRO E 77 -4.48 12.88 -6.17
N CYS E 78 -4.98 11.68 -5.96
CA CYS E 78 -4.44 10.51 -6.64
C CYS E 78 -4.77 10.46 -8.14
N LYS E 79 -3.87 9.84 -8.89
CA LYS E 79 -4.03 9.69 -10.34
C LYS E 79 -5.38 9.03 -10.63
N SER E 80 -5.77 8.06 -9.80
CA SER E 80 -7.02 7.35 -9.97
C SER E 80 -8.27 8.25 -9.94
N VAL E 81 -8.31 9.22 -9.04
CA VAL E 81 -9.48 10.10 -8.98
C VAL E 81 -9.48 11.04 -10.18
N CYS E 82 -8.28 11.44 -10.61
CA CYS E 82 -8.14 12.31 -11.77
C CYS E 82 -8.71 11.58 -12.99
N GLU E 83 -8.32 10.31 -13.14
CA GLU E 83 -8.77 9.49 -14.24
C GLU E 83 -10.29 9.32 -14.20
N ARG E 84 -10.87 9.08 -13.02
CA ARG E 84 -12.32 8.92 -12.90
C ARG E 84 -13.02 10.21 -13.29
N ALA E 85 -12.48 11.34 -12.85
CA ALA E 85 -13.08 12.63 -13.17
C ALA E 85 -13.03 12.79 -14.69
N ARG E 86 -11.85 12.57 -15.27
CA ARG E 86 -11.68 12.66 -16.72
C ARG E 86 -12.61 11.73 -17.49
N GLN E 87 -12.72 10.48 -17.07
CA GLN E 87 -13.57 9.54 -17.76
C GLN E 87 -15.04 9.93 -17.82
N GLY E 88 -15.53 10.61 -16.78
CA GLY E 88 -16.92 11.02 -16.80
C GLY E 88 -17.15 12.36 -17.48
N CYS E 89 -16.16 13.23 -17.40
CA CYS E 89 -16.27 14.58 -17.95
C CYS E 89 -15.67 14.87 -19.34
N GLU E 90 -14.65 14.10 -19.74
CA GLU E 90 -14.03 14.33 -21.05
C GLU E 90 -15.05 14.28 -22.20
N PRO E 91 -15.99 13.30 -22.18
CA PRO E 91 -17.00 13.18 -23.24
C PRO E 91 -17.77 14.49 -23.39
N ILE E 92 -18.05 15.12 -22.25
CA ILE E 92 -18.75 16.39 -22.21
C ILE E 92 -17.93 17.44 -22.93
N LEU E 93 -16.70 17.66 -22.44
CA LEU E 93 -15.79 18.62 -23.03
C LEU E 93 -15.61 18.33 -24.52
N ILE E 94 -15.47 17.06 -24.87
CA ILE E 94 -15.28 16.66 -26.26
C ILE E 94 -16.51 17.04 -27.09
N LYS E 95 -17.70 16.74 -26.58
CA LYS E 95 -18.94 17.04 -27.28
C LYS E 95 -18.99 18.50 -27.73
N TYR E 96 -18.22 19.35 -27.06
CA TYR E 96 -18.19 20.75 -27.42
C TYR E 96 -16.83 21.15 -28.00
N ARG E 97 -16.40 22.37 -27.71
CA ARG E 97 -15.13 22.86 -28.24
C ARG E 97 -13.98 22.80 -27.23
N HIS E 98 -13.74 21.62 -26.65
CA HIS E 98 -12.66 21.48 -25.67
C HIS E 98 -12.18 20.05 -25.43
N SER E 99 -11.12 19.94 -24.63
CA SER E 99 -10.52 18.66 -24.24
C SER E 99 -9.95 18.80 -22.81
N TRP E 100 -9.51 17.68 -22.24
CA TRP E 100 -8.97 17.71 -20.88
C TRP E 100 -7.70 18.57 -20.79
N PRO E 101 -7.73 19.64 -19.98
CA PRO E 101 -6.62 20.56 -19.77
C PRO E 101 -5.28 19.89 -19.49
N GLU E 102 -4.20 20.50 -19.99
CA GLU E 102 -2.84 19.98 -19.79
C GLU E 102 -2.47 20.12 -18.31
N SER E 103 -2.94 21.19 -17.69
CA SER E 103 -2.64 21.44 -16.29
C SER E 103 -3.29 20.41 -15.38
N LEU E 104 -4.22 19.65 -15.91
CA LEU E 104 -4.90 18.63 -15.12
C LEU E 104 -4.57 17.22 -15.63
N ALA E 105 -3.47 17.10 -16.37
CA ALA E 105 -3.07 15.81 -16.91
C ALA E 105 -2.86 14.81 -15.77
N CYS E 106 -3.58 13.70 -15.83
CA CYS E 106 -3.47 12.69 -14.79
C CYS E 106 -2.08 12.04 -14.75
N ASP E 107 -1.52 11.78 -15.93
CA ASP E 107 -0.21 11.16 -16.01
C ASP E 107 0.92 12.14 -15.73
N GLU E 108 0.71 13.03 -14.76
CA GLU E 108 1.71 14.02 -14.38
C GLU E 108 1.51 14.49 -12.94
N LEU E 109 0.49 13.94 -12.27
CA LEU E 109 0.19 14.31 -10.89
C LEU E 109 1.19 13.73 -9.89
N PRO E 110 1.58 12.46 -10.08
CA PRO E 110 2.53 11.84 -9.16
C PRO E 110 3.85 12.59 -8.97
N VAL E 111 4.21 12.83 -7.72
CA VAL E 111 5.48 13.47 -7.38
C VAL E 111 6.35 12.24 -7.14
N TYR E 112 6.95 11.72 -8.20
CA TYR E 112 7.77 10.51 -8.13
C TYR E 112 8.62 10.38 -6.86
N ASP E 113 8.84 11.50 -6.18
CA ASP E 113 9.64 11.55 -4.94
C ASP E 113 8.95 10.97 -3.70
N ARG E 114 7.72 11.42 -3.42
CA ARG E 114 6.95 10.95 -2.26
C ARG E 114 5.69 10.20 -2.68
N GLY E 115 5.60 8.93 -2.31
CA GLY E 115 4.45 8.15 -2.70
C GLY E 115 3.17 8.27 -1.90
N VAL E 116 2.60 9.46 -1.78
CA VAL E 116 1.34 9.57 -1.04
C VAL E 116 0.41 10.59 -1.67
N CYS E 117 -0.89 10.26 -1.73
CA CYS E 117 -1.89 11.14 -2.35
C CYS E 117 -3.25 11.01 -1.64
N ILE E 118 -4.18 11.93 -1.92
CA ILE E 118 -5.50 11.84 -1.28
C ILE E 118 -6.57 11.47 -2.30
N SER E 119 -7.56 10.73 -1.80
CA SER E 119 -8.67 10.27 -2.60
C SER E 119 -9.97 10.45 -1.85
N PRO E 120 -11.10 10.41 -2.57
CA PRO E 120 -12.39 10.55 -1.90
C PRO E 120 -12.73 9.16 -1.34
N GLU E 121 -13.66 9.09 -0.39
CA GLU E 121 -14.10 7.83 0.22
C GLU E 121 -15.63 8.01 0.35
N ALA E 122 -16.37 6.91 0.25
CA ALA E 122 -17.83 6.98 0.32
C ALA E 122 -18.36 7.66 1.59
N ILE E 123 -19.46 8.39 1.43
CA ILE E 123 -20.09 9.07 2.55
C ILE E 123 -21.58 8.77 2.51
N VAL E 124 -22.21 8.91 3.66
CA VAL E 124 -23.63 8.69 3.84
C VAL E 124 -24.35 10.01 3.61
N THR E 125 -25.35 9.97 2.74
CA THR E 125 -26.17 11.13 2.40
C THR E 125 -27.55 10.62 1.98
N ALA E 126 -28.49 11.55 1.82
CA ALA E 126 -29.84 11.20 1.42
C ALA E 126 -30.68 12.45 1.17
N ALA F 3 -34.82 28.66 -42.87
CA ALA F 3 -33.65 29.46 -42.51
C ALA F 3 -33.99 30.95 -42.51
N ALA F 4 -35.23 31.28 -42.83
CA ALA F 4 -35.66 32.68 -42.86
C ALA F 4 -36.68 32.99 -41.76
N CYS F 5 -36.35 34.00 -40.94
CA CYS F 5 -37.22 34.40 -39.85
C CYS F 5 -38.62 34.73 -40.37
N GLU F 6 -39.63 34.27 -39.66
CA GLU F 6 -41.02 34.49 -40.03
C GLU F 6 -41.80 35.10 -38.86
N PRO F 7 -42.96 35.71 -39.16
CA PRO F 7 -43.80 36.32 -38.12
C PRO F 7 -44.27 35.30 -37.10
N VAL F 8 -44.30 35.68 -35.83
CA VAL F 8 -44.79 34.78 -34.79
C VAL F 8 -46.28 34.62 -35.08
N ARG F 9 -46.77 33.38 -35.01
CA ARG F 9 -48.16 33.10 -35.33
C ARG F 9 -48.96 32.40 -34.24
N ILE F 10 -48.33 32.08 -33.12
CA ILE F 10 -49.05 31.44 -32.02
C ILE F 10 -49.80 32.56 -31.31
N PRO F 11 -51.14 32.44 -31.23
CA PRO F 11 -52.03 33.42 -30.60
C PRO F 11 -51.63 33.86 -29.22
N LEU F 12 -51.46 32.89 -28.32
CA LEU F 12 -51.08 33.19 -26.95
C LEU F 12 -49.76 33.97 -26.83
N CYS F 13 -48.87 33.82 -27.81
CA CYS F 13 -47.60 34.52 -27.75
C CYS F 13 -47.61 35.94 -28.31
N LYS F 14 -48.70 36.33 -28.97
CA LYS F 14 -48.78 37.66 -29.55
C LYS F 14 -48.59 38.81 -28.56
N SER F 15 -48.80 38.55 -27.27
CA SER F 15 -48.63 39.60 -26.26
C SER F 15 -47.16 39.85 -25.90
N LEU F 16 -46.27 38.94 -26.26
CA LEU F 16 -44.85 39.10 -25.94
C LEU F 16 -44.12 40.10 -26.85
N PRO F 17 -43.01 40.70 -26.34
CA PRO F 17 -42.12 41.69 -26.96
C PRO F 17 -41.65 41.48 -28.39
N TRP F 18 -41.26 40.26 -28.72
CA TRP F 18 -40.77 40.00 -30.06
C TRP F 18 -41.89 39.51 -30.97
N GLU F 19 -41.78 39.84 -32.25
CA GLU F 19 -42.78 39.47 -33.24
C GLU F 19 -42.18 38.63 -34.35
N MET F 20 -40.86 38.43 -34.32
CA MET F 20 -40.18 37.63 -35.32
C MET F 20 -39.54 36.39 -34.70
N THR F 21 -39.79 35.24 -35.32
CA THR F 21 -39.27 33.96 -34.84
C THR F 21 -38.64 33.18 -36.00
N LYS F 22 -38.14 32.00 -35.70
CA LYS F 22 -37.52 31.15 -36.71
C LYS F 22 -37.66 29.69 -36.30
N MET F 23 -37.79 28.81 -37.30
CA MET F 23 -37.91 27.38 -37.06
C MET F 23 -36.62 26.71 -37.55
N PRO F 24 -36.30 25.50 -37.05
CA PRO F 24 -37.06 24.74 -36.06
C PRO F 24 -37.00 25.37 -34.68
N ASN F 25 -38.03 25.17 -33.88
CA ASN F 25 -38.05 25.74 -32.55
C ASN F 25 -37.33 24.77 -31.61
N HIS F 26 -37.41 25.03 -30.31
CA HIS F 26 -36.71 24.18 -29.35
C HIS F 26 -37.40 22.87 -29.02
N LEU F 27 -38.47 22.56 -29.75
CA LEU F 27 -39.20 21.29 -29.61
C LEU F 27 -38.94 20.54 -30.92
N HIS F 28 -38.11 21.17 -31.76
CA HIS F 28 -37.75 20.63 -33.08
C HIS F 28 -38.89 20.58 -34.09
N HIS F 29 -39.86 21.50 -33.97
CA HIS F 29 -40.96 21.53 -34.91
C HIS F 29 -40.45 22.16 -36.19
N SER F 30 -40.82 21.57 -37.32
CA SER F 30 -40.40 22.05 -38.63
C SER F 30 -41.16 23.30 -39.05
N THR F 31 -42.44 23.37 -38.71
CA THR F 31 -43.24 24.53 -39.06
C THR F 31 -43.92 25.10 -37.83
N GLN F 32 -44.25 26.38 -37.90
CA GLN F 32 -44.90 27.03 -36.79
C GLN F 32 -46.32 26.48 -36.60
N ALA F 33 -46.82 25.79 -37.63
CA ALA F 33 -48.16 25.20 -37.57
C ALA F 33 -48.21 24.09 -36.51
N ASN F 34 -47.13 23.35 -36.40
CA ASN F 34 -47.06 22.27 -35.42
C ASN F 34 -46.88 22.83 -34.00
N ALA F 35 -46.17 23.95 -33.89
CA ALA F 35 -45.96 24.59 -32.60
C ALA F 35 -47.31 25.09 -32.08
N ILE F 36 -48.14 25.59 -32.99
CA ILE F 36 -49.45 26.11 -32.63
C ILE F 36 -50.32 25.03 -32.02
N LEU F 37 -50.27 23.83 -32.59
CA LEU F 37 -51.08 22.72 -32.08
C LEU F 37 -50.62 22.30 -30.70
N ALA F 38 -49.31 22.21 -30.52
CA ALA F 38 -48.74 21.81 -29.24
C ALA F 38 -49.11 22.82 -28.14
N MET F 39 -48.99 24.11 -28.46
CA MET F 39 -49.31 25.17 -27.51
C MET F 39 -50.71 25.10 -26.92
N GLU F 40 -51.72 24.86 -27.75
CA GLU F 40 -53.09 24.79 -27.27
C GLU F 40 -53.20 23.77 -26.14
N GLN F 41 -52.22 22.87 -26.05
CA GLN F 41 -52.24 21.88 -25.00
C GLN F 41 -51.93 22.49 -23.63
N PHE F 42 -51.27 23.66 -23.63
CA PHE F 42 -50.92 24.34 -22.37
C PHE F 42 -51.93 25.39 -21.93
N GLU F 43 -53.01 25.49 -22.71
CA GLU F 43 -54.09 26.44 -22.45
C GLU F 43 -54.55 26.34 -20.99
N GLY F 44 -54.83 25.12 -20.54
CA GLY F 44 -55.30 24.91 -19.19
C GLY F 44 -54.29 25.23 -18.09
N LEU F 45 -53.04 24.83 -18.30
CA LEU F 45 -52.02 25.08 -17.30
C LEU F 45 -51.80 26.57 -17.17
N LEU F 46 -51.79 27.26 -18.31
CA LEU F 46 -51.59 28.71 -18.34
C LEU F 46 -52.73 29.40 -17.60
N GLY F 47 -53.91 28.79 -17.67
CA GLY F 47 -55.08 29.35 -17.00
C GLY F 47 -55.09 29.27 -15.50
N THR F 48 -54.25 28.39 -14.93
CA THR F 48 -54.21 28.24 -13.47
C THR F 48 -53.39 29.36 -12.81
N HIS F 49 -52.63 30.10 -13.62
CA HIS F 49 -51.78 31.19 -13.12
C HIS F 49 -50.76 30.68 -12.12
N CYS F 50 -50.30 29.45 -12.33
CA CYS F 50 -49.30 28.85 -11.45
C CYS F 50 -47.95 29.59 -11.56
N SER F 51 -47.75 30.34 -12.64
CA SER F 51 -46.51 31.12 -12.79
C SER F 51 -46.61 32.25 -13.81
N PRO F 52 -46.23 33.47 -13.39
CA PRO F 52 -46.26 34.64 -14.27
C PRO F 52 -45.19 34.52 -15.36
N ASP F 53 -44.31 33.54 -15.22
CA ASP F 53 -43.24 33.32 -16.20
C ASP F 53 -43.55 32.21 -17.18
N LEU F 54 -44.60 31.43 -16.92
CA LEU F 54 -44.92 30.31 -17.80
C LEU F 54 -45.07 30.69 -19.27
N LEU F 55 -45.83 31.74 -19.56
CA LEU F 55 -46.03 32.13 -20.96
C LEU F 55 -44.74 32.51 -21.66
N PHE F 56 -43.92 33.35 -21.03
CA PHE F 56 -42.66 33.76 -21.61
C PHE F 56 -41.85 32.50 -21.95
N PHE F 57 -41.75 31.60 -20.97
CA PHE F 57 -41.00 30.36 -21.14
C PHE F 57 -41.46 29.52 -22.32
N LEU F 58 -42.74 29.17 -22.35
CA LEU F 58 -43.29 28.35 -23.43
C LEU F 58 -43.10 29.03 -24.78
N CYS F 59 -43.39 30.32 -24.88
CA CYS F 59 -43.24 31.00 -26.15
C CYS F 59 -41.78 31.06 -26.59
N ALA F 60 -40.87 31.22 -25.62
CA ALA F 60 -39.45 31.27 -25.96
C ALA F 60 -38.98 29.93 -26.54
N MET F 61 -39.69 28.86 -26.17
CA MET F 61 -39.39 27.50 -26.64
C MET F 61 -40.09 27.20 -27.97
N TYR F 62 -41.37 27.55 -28.07
CA TYR F 62 -42.15 27.26 -29.28
C TYR F 62 -42.03 28.23 -30.45
N ALA F 63 -41.74 29.49 -30.16
CA ALA F 63 -41.55 30.51 -31.19
C ALA F 63 -40.45 31.44 -30.71
N PRO F 64 -39.21 30.91 -30.63
CA PRO F 64 -38.02 31.65 -30.18
C PRO F 64 -37.73 32.93 -30.94
N ILE F 65 -37.18 33.91 -30.24
CA ILE F 65 -36.87 35.19 -30.87
C ILE F 65 -35.85 34.99 -31.98
N CYS F 66 -36.10 35.67 -33.09
CA CYS F 66 -35.24 35.60 -34.25
C CYS F 66 -33.93 36.40 -34.10
N THR F 67 -32.80 35.77 -34.44
CA THR F 67 -31.50 36.45 -34.44
C THR F 67 -30.76 36.03 -35.70
N ILE F 68 -29.72 36.79 -36.07
CA ILE F 68 -28.92 36.44 -37.25
C ILE F 68 -27.96 35.34 -36.84
N ASP F 69 -27.44 35.46 -35.62
CA ASP F 69 -26.54 34.47 -35.06
C ASP F 69 -27.40 33.23 -34.77
N PHE F 70 -26.77 32.11 -34.44
CA PHE F 70 -27.51 30.88 -34.12
C PHE F 70 -28.58 30.59 -35.16
N GLN F 71 -28.18 30.25 -36.38
CA GLN F 71 -29.18 29.99 -37.41
C GLN F 71 -29.83 28.61 -37.38
N HIS F 72 -29.15 27.63 -36.79
CA HIS F 72 -29.68 26.28 -36.74
C HIS F 72 -30.39 25.92 -35.43
N GLU F 73 -29.99 26.60 -34.36
CA GLU F 73 -30.63 26.40 -33.06
C GLU F 73 -30.76 27.82 -32.49
N PRO F 74 -31.96 28.41 -32.56
CA PRO F 74 -32.12 29.77 -32.04
C PRO F 74 -31.82 29.94 -30.56
N ILE F 75 -31.76 31.19 -30.12
CA ILE F 75 -31.46 31.47 -28.72
C ILE F 75 -32.57 30.84 -27.86
N LYS F 76 -32.22 30.39 -26.67
CA LYS F 76 -33.20 29.78 -25.78
C LYS F 76 -33.46 30.64 -24.56
N PRO F 77 -34.55 30.37 -23.86
CA PRO F 77 -34.89 31.12 -22.65
C PRO F 77 -33.90 30.62 -21.60
N CYS F 78 -33.58 31.48 -20.64
CA CYS F 78 -32.63 31.15 -19.59
C CYS F 78 -33.12 30.05 -18.67
N LYS F 79 -32.18 29.28 -18.16
CA LYS F 79 -32.51 28.19 -17.26
C LYS F 79 -33.26 28.75 -16.04
N SER F 80 -32.94 29.97 -15.63
CA SER F 80 -33.58 30.57 -14.47
C SER F 80 -35.08 30.82 -14.65
N VAL F 81 -35.49 31.28 -15.83
CA VAL F 81 -36.92 31.50 -16.05
C VAL F 81 -37.64 30.15 -16.10
N CYS F 82 -36.97 29.13 -16.65
CA CYS F 82 -37.58 27.81 -16.73
C CYS F 82 -37.80 27.27 -15.32
N GLU F 83 -36.82 27.50 -14.45
CA GLU F 83 -36.92 27.03 -13.07
C GLU F 83 -38.05 27.70 -12.29
N ARG F 84 -38.27 28.99 -12.55
CA ARG F 84 -39.34 29.71 -11.86
C ARG F 84 -40.68 29.16 -12.36
N ALA F 85 -40.80 28.97 -13.67
CA ALA F 85 -42.04 28.43 -14.22
C ALA F 85 -42.27 27.02 -13.67
N ARG F 86 -41.22 26.22 -13.63
CA ARG F 86 -41.35 24.86 -13.10
C ARG F 86 -41.70 24.85 -11.61
N GLN F 87 -41.08 25.75 -10.83
CA GLN F 87 -41.36 25.80 -9.40
C GLN F 87 -42.81 26.10 -9.09
N GLY F 88 -43.40 26.99 -9.87
CA GLY F 88 -44.79 27.34 -9.66
C GLY F 88 -45.81 26.39 -10.27
N CYS F 89 -45.47 25.76 -11.39
CA CYS F 89 -46.43 24.90 -12.06
C CYS F 89 -46.31 23.37 -11.91
N GLU F 90 -45.11 22.86 -11.65
CA GLU F 90 -44.92 21.43 -11.48
C GLU F 90 -45.82 20.90 -10.35
N PRO F 91 -46.01 21.68 -9.29
CA PRO F 91 -46.88 21.17 -8.22
C PRO F 91 -48.31 20.81 -8.65
N ILE F 92 -48.94 21.64 -9.47
CA ILE F 92 -50.29 21.32 -9.89
C ILE F 92 -50.28 20.12 -10.85
N LEU F 93 -49.27 20.01 -11.69
CA LEU F 93 -49.18 18.86 -12.59
C LEU F 93 -49.03 17.59 -11.75
N ILE F 94 -48.20 17.66 -10.70
CA ILE F 94 -47.99 16.50 -9.84
C ILE F 94 -49.27 16.18 -9.08
N LYS F 95 -50.00 17.21 -8.65
CA LYS F 95 -51.24 16.98 -7.93
C LYS F 95 -52.24 16.18 -8.77
N TYR F 96 -52.09 16.23 -10.09
CA TYR F 96 -53.00 15.46 -10.94
C TYR F 96 -52.23 14.35 -11.69
N ARG F 97 -51.24 13.82 -10.98
CA ARG F 97 -50.38 12.72 -11.41
C ARG F 97 -49.67 12.85 -12.75
N HIS F 98 -49.21 14.06 -13.05
CA HIS F 98 -48.47 14.30 -14.26
C HIS F 98 -47.12 14.89 -13.87
N SER F 99 -46.24 15.17 -14.82
CA SER F 99 -44.93 15.70 -14.47
C SER F 99 -44.51 16.79 -15.43
N TRP F 100 -43.41 17.48 -15.11
CA TRP F 100 -42.88 18.54 -15.97
C TRP F 100 -42.35 17.80 -17.18
N PRO F 101 -42.90 18.04 -18.38
CA PRO F 101 -42.43 17.35 -19.59
C PRO F 101 -40.91 17.35 -19.85
N GLU F 102 -40.41 16.24 -20.39
CA GLU F 102 -38.99 16.12 -20.67
C GLU F 102 -38.52 17.18 -21.64
N SER F 103 -39.39 17.55 -22.58
CA SER F 103 -39.03 18.57 -23.56
C SER F 103 -38.78 19.93 -22.93
N LEU F 104 -39.26 20.13 -21.70
CA LEU F 104 -39.09 21.43 -21.02
C LEU F 104 -38.09 21.36 -19.87
N ALA F 105 -37.31 20.28 -19.80
CA ALA F 105 -36.32 20.10 -18.74
C ALA F 105 -35.38 21.29 -18.72
N CYS F 106 -35.33 21.96 -17.58
CA CYS F 106 -34.51 23.13 -17.44
C CYS F 106 -33.02 22.84 -17.59
N ASP F 107 -32.57 21.68 -17.11
CA ASP F 107 -31.16 21.33 -17.21
C ASP F 107 -30.66 21.15 -18.64
N GLU F 108 -31.58 21.02 -19.58
CA GLU F 108 -31.22 20.82 -20.98
C GLU F 108 -31.21 22.11 -21.79
N LEU F 109 -31.57 23.20 -21.15
CA LEU F 109 -31.59 24.47 -21.85
C LEU F 109 -30.23 25.00 -22.22
N PRO F 110 -29.25 24.96 -21.29
CA PRO F 110 -27.95 25.50 -21.68
C PRO F 110 -27.33 24.85 -22.92
N VAL F 111 -26.76 25.69 -23.79
CA VAL F 111 -26.05 25.25 -24.98
C VAL F 111 -24.64 25.53 -24.49
N TYR F 112 -23.94 24.49 -24.06
CA TYR F 112 -22.63 24.64 -23.44
C TYR F 112 -21.44 25.25 -24.18
N ASP F 113 -21.59 25.47 -25.48
CA ASP F 113 -20.51 26.14 -26.23
C ASP F 113 -21.05 27.50 -26.70
N ARG F 114 -22.15 27.94 -26.10
CA ARG F 114 -22.75 29.23 -26.47
C ARG F 114 -22.58 30.22 -25.32
N GLY F 115 -23.60 30.38 -24.48
CA GLY F 115 -23.46 31.28 -23.36
C GLY F 115 -24.37 32.50 -23.28
N VAL F 116 -25.50 32.47 -23.98
CA VAL F 116 -26.42 33.60 -23.93
C VAL F 116 -27.83 33.07 -24.12
N CYS F 117 -28.76 33.62 -23.32
CA CYS F 117 -30.17 33.23 -23.31
C CYS F 117 -31.06 34.48 -23.12
N ILE F 118 -32.37 34.32 -23.28
CA ILE F 118 -33.25 35.47 -23.06
C ILE F 118 -34.15 35.26 -21.85
N SER F 119 -34.46 36.37 -21.20
CA SER F 119 -35.30 36.34 -20.01
C SER F 119 -36.27 37.50 -20.13
N PRO F 120 -37.32 37.50 -19.31
CA PRO F 120 -38.30 38.58 -19.29
C PRO F 120 -37.69 39.70 -18.43
N GLU F 121 -38.23 40.90 -18.54
CA GLU F 121 -37.77 42.05 -17.75
C GLU F 121 -39.06 42.80 -17.38
N ALA F 122 -39.06 43.48 -16.25
CA ALA F 122 -40.27 44.18 -15.79
C ALA F 122 -40.80 45.23 -16.78
N ILE F 123 -42.13 45.33 -16.88
CA ILE F 123 -42.83 46.28 -17.75
C ILE F 123 -43.99 46.95 -16.96
N VAL F 124 -44.55 48.03 -17.48
CA VAL F 124 -45.69 48.66 -16.82
C VAL F 124 -46.94 48.48 -17.70
N THR F 125 -46.69 48.12 -18.96
CA THR F 125 -47.74 47.93 -19.96
C THR F 125 -48.56 46.63 -19.92
N ALA F 126 -48.57 45.93 -18.79
CA ALA F 126 -49.35 44.68 -18.72
C ALA F 126 -50.82 44.98 -19.03
N ASP F 127 -51.25 44.63 -20.24
CA ASP F 127 -52.63 44.86 -20.68
C ASP F 127 -53.61 44.10 -19.80
S SO4 G . 27.66 -29.56 30.20
O1 SO4 G . 28.79 -29.01 30.97
O2 SO4 G . 28.08 -29.80 28.81
O3 SO4 G . 27.23 -30.83 30.82
O4 SO4 G . 26.54 -28.59 30.24
#